data_7EQU
#
_entry.id   7EQU
#
_cell.length_a   153.759
_cell.length_b   81.554
_cell.length_c   111.364
_cell.angle_alpha   90.000
_cell.angle_beta   129.949
_cell.angle_gamma   90.000
#
_symmetry.space_group_name_H-M   'C 1 2 1'
#
loop_
_entity.id
_entity.type
_entity.pdbx_description
1 polymer Lactotransferrin
2 branched beta-D-mannopyranose-(1-4)-2-acetamido-2-deoxy-beta-D-glucopyranose-(1-4)-2-acetamido-2-deoxy-beta-D-glucopyranose
3 branched 2-acetamido-2-deoxy-beta-D-glucopyranose-(1-4)-2-acetamido-2-deoxy-beta-D-glucopyranose
4 branched beta-D-mannopyranose-(1-3)-2-acetamido-2-deoxy-beta-D-glucopyranose-(1-4)-2-acetamido-2-deoxy-beta-D-glucopyranose
5 non-polymer 'FE (III) ION'
6 non-polymer 'BICARBONATE ION'
7 water water
#
_entity_poly.entity_id   1
_entity_poly.type   'polypeptide(L)'
_entity_poly.pdbx_seq_one_letter_code
;YTRVVWCAVGPEEQKKCQQWSQQSGQNVTCATASTTDDCIVLVLKGEADALNLDGGYIYTAGKCGLVPVLAENRKSSKHS
SLDCVLRPTEGYLAVAVVKKANEGLTWNSLKDKKSCHTAVDRTAGWNIPMGLIVNQTGSCAFDEFFSQSCAPGADPKSRL
CALCAGDDQGLDKCVPNSKEKYYGYTGAFRCLAEDVGDVAFVKNDTVWENTNGESTADWAKNLKREDFRLLCLDGTRKPV
TEAQSCHLAVAPNHAVVSRSDRAAHVEQVLLHQQALFGKNGKNCPDKFCLFKSETKNLLFNDNTECLAKLGGRPTYEEYL
GTEYVTAIANLKKCSTSPLLEACAFLTR
;
_entity_poly.pdbx_strand_id   A,B
#
loop_
_chem_comp.id
_chem_comp.type
_chem_comp.name
_chem_comp.formula
BCT non-polymer 'BICARBONATE ION' 'C H O3 -1'
BMA D-saccharide, beta linking beta-D-mannopyranose 'C6 H12 O6'
FE non-polymer 'FE (III) ION' 'Fe 3'
NAG D-saccharide, beta linking 2-acetamido-2-deoxy-beta-D-glucopyranose 'C8 H15 N O6'
#
# COMPACT_ATOMS: atom_id res chain seq x y z
N TYR A 1 0.82 7.58 -9.55
CA TYR A 1 0.64 6.22 -8.98
C TYR A 1 2.00 5.53 -8.90
N THR A 2 2.91 6.08 -8.09
CA THR A 2 4.31 5.60 -7.97
C THR A 2 4.36 4.26 -7.24
N ARG A 3 3.39 3.97 -6.36
CA ARG A 3 3.34 2.70 -5.59
C ARG A 3 3.30 1.54 -6.58
N VAL A 4 4.04 0.46 -6.30
CA VAL A 4 3.90 -0.83 -7.04
C VAL A 4 3.09 -1.81 -6.18
N VAL A 5 1.93 -2.23 -6.70
CA VAL A 5 1.00 -3.19 -6.06
C VAL A 5 1.51 -4.59 -6.37
N TRP A 6 2.10 -5.24 -5.38
CA TRP A 6 2.57 -6.63 -5.52
C TRP A 6 1.32 -7.50 -5.47
N CYS A 7 1.27 -8.62 -6.20
CA CYS A 7 0.17 -9.60 -5.98
C CYS A 7 0.63 -10.81 -5.18
N ALA A 8 0.04 -10.92 -3.98
CA ALA A 8 0.22 -12.01 -2.98
C ALA A 8 -0.87 -13.08 -3.15
N VAL A 9 -0.43 -14.33 -3.33
CA VAL A 9 -1.23 -15.55 -3.55
C VAL A 9 -1.36 -16.24 -2.20
N GLY A 10 -2.43 -15.97 -1.47
CA GLY A 10 -2.71 -16.59 -0.15
C GLY A 10 -2.37 -15.66 1.01
N PRO A 11 -2.86 -15.96 2.23
CA PRO A 11 -2.67 -15.07 3.38
C PRO A 11 -1.24 -15.05 3.96
N GLU A 12 -0.50 -16.14 3.80
CA GLU A 12 0.92 -16.18 4.25
C GLU A 12 1.71 -15.20 3.39
N GLU A 13 1.60 -15.31 2.06
CA GLU A 13 2.35 -14.46 1.09
C GLU A 13 1.96 -13.00 1.27
N GLN A 14 0.71 -12.74 1.64
CA GLN A 14 0.19 -11.36 1.88
C GLN A 14 0.78 -10.78 3.17
N LYS A 15 1.01 -11.61 4.19
CA LYS A 15 1.53 -11.16 5.52
C LYS A 15 2.95 -10.61 5.31
N LYS A 16 3.75 -11.28 4.47
CA LYS A 16 5.11 -10.79 4.07
C LYS A 16 4.98 -9.49 3.25
N CYS A 17 4.03 -9.45 2.30
CA CYS A 17 3.77 -8.29 1.39
C CYS A 17 3.41 -7.05 2.21
N GLN A 18 2.49 -7.17 3.17
CA GLN A 18 2.17 -6.05 4.11
C GLN A 18 3.47 -5.54 4.74
N GLN A 19 4.30 -6.45 5.27
CA GLN A 19 5.61 -6.13 5.87
C GLN A 19 6.44 -5.37 4.82
N TRP A 20 6.71 -6.01 3.67
CA TRP A 20 7.36 -5.33 2.51
C TRP A 20 6.86 -3.89 2.39
N SER A 21 5.54 -3.70 2.26
CA SER A 21 4.88 -2.36 2.20
C SER A 21 5.49 -1.46 3.30
N GLN A 22 5.25 -1.78 4.58
CA GLN A 22 5.52 -0.89 5.75
C GLN A 22 6.98 -0.43 5.79
N GLN A 23 7.92 -1.29 5.41
CA GLN A 23 9.39 -1.02 5.41
C GLN A 23 9.78 -0.23 4.15
N SER A 24 9.16 -0.54 3.00
CA SER A 24 9.44 0.14 1.70
C SER A 24 8.77 1.53 1.66
N GLY A 25 7.98 1.86 2.69
CA GLY A 25 7.29 3.16 2.82
C GLY A 25 6.24 3.33 1.74
N GLN A 26 5.49 2.27 1.45
CA GLN A 26 4.42 2.20 0.43
C GLN A 26 4.97 2.44 -0.98
N ASN A 27 6.28 2.28 -1.21
CA ASN A 27 6.80 2.15 -2.59
C ASN A 27 6.26 0.86 -3.18
N VAL A 28 5.86 -0.07 -2.28
CA VAL A 28 5.21 -1.37 -2.58
C VAL A 28 3.99 -1.54 -1.67
N THR A 29 2.84 -1.90 -2.26
CA THR A 29 1.57 -2.24 -1.58
C THR A 29 1.06 -3.62 -2.00
N CYS A 30 0.00 -4.06 -1.35
CA CYS A 30 -0.52 -5.45 -1.45
C CYS A 30 -1.88 -5.52 -2.15
N ALA A 31 -2.00 -6.53 -3.00
CA ALA A 31 -3.26 -7.14 -3.48
C ALA A 31 -3.13 -8.66 -3.27
N THR A 32 -4.21 -9.30 -2.84
CA THR A 32 -4.25 -10.74 -2.46
C THR A 32 -5.27 -11.45 -3.37
N ALA A 33 -4.98 -12.70 -3.76
CA ALA A 33 -5.99 -13.61 -4.35
C ALA A 33 -5.68 -15.04 -3.90
N SER A 34 -6.70 -15.89 -3.80
CA SER A 34 -6.54 -17.30 -3.38
C SER A 34 -5.52 -17.98 -4.29
N THR A 35 -5.55 -17.68 -5.59
CA THR A 35 -4.83 -18.45 -6.61
C THR A 35 -3.98 -17.50 -7.44
N THR A 36 -3.06 -18.07 -8.21
CA THR A 36 -2.07 -17.34 -9.05
C THR A 36 -2.78 -16.84 -10.29
N ASP A 37 -3.64 -17.68 -10.87
CA ASP A 37 -4.45 -17.28 -12.07
C ASP A 37 -5.30 -16.05 -11.69
N ASP A 38 -5.92 -16.06 -10.50
CA ASP A 38 -6.72 -14.91 -9.99
C ASP A 38 -5.79 -13.69 -9.90
N CYS A 39 -4.54 -13.88 -9.45
CA CYS A 39 -3.57 -12.76 -9.31
C CYS A 39 -3.15 -12.29 -10.69
N ILE A 40 -2.99 -13.19 -11.66
CA ILE A 40 -2.66 -12.76 -13.04
C ILE A 40 -3.78 -11.84 -13.52
N VAL A 41 -5.03 -12.12 -13.17
CA VAL A 41 -6.21 -11.38 -13.70
C VAL A 41 -6.18 -9.96 -13.13
N LEU A 42 -6.03 -9.82 -11.82
CA LEU A 42 -5.84 -8.50 -11.17
C LEU A 42 -4.77 -7.67 -11.94
N VAL A 43 -3.70 -8.30 -12.43
CA VAL A 43 -2.61 -7.54 -13.10
C VAL A 43 -3.15 -7.01 -14.43
N LEU A 44 -4.00 -7.80 -15.09
CA LEU A 44 -4.67 -7.41 -16.36
C LEU A 44 -5.57 -6.21 -16.10
N LYS A 45 -6.25 -6.18 -14.95
CA LYS A 45 -7.26 -5.14 -14.61
C LYS A 45 -6.59 -3.89 -14.04
N GLY A 46 -5.30 -3.97 -13.71
CA GLY A 46 -4.55 -2.86 -13.09
C GLY A 46 -4.83 -2.76 -11.61
N GLU A 47 -5.50 -3.74 -11.00
CA GLU A 47 -5.79 -3.76 -9.53
C GLU A 47 -4.52 -4.11 -8.75
N ALA A 48 -3.57 -4.78 -9.40
CA ALA A 48 -2.19 -5.03 -8.95
C ALA A 48 -1.27 -4.70 -10.11
N ASP A 49 0.05 -4.78 -9.92
CA ASP A 49 1.06 -4.27 -10.89
C ASP A 49 1.94 -5.41 -11.42
N ALA A 50 2.34 -6.33 -10.53
CA ALA A 50 3.28 -7.44 -10.82
C ALA A 50 3.30 -8.46 -9.68
N LEU A 51 3.84 -9.65 -9.96
CA LEU A 51 4.14 -10.73 -8.97
C LEU A 51 5.23 -11.65 -9.56
N ASN A 52 5.88 -12.48 -8.72
CA ASN A 52 6.88 -13.50 -9.15
C ASN A 52 6.15 -14.81 -9.44
N LEU A 53 6.47 -15.42 -10.59
CA LEU A 53 5.69 -16.52 -11.22
C LEU A 53 6.64 -17.68 -11.58
N ASP A 54 6.25 -18.93 -11.30
CA ASP A 54 6.78 -20.12 -12.00
C ASP A 54 6.65 -19.97 -13.52
N GLY A 55 7.51 -20.68 -14.26
CA GLY A 55 7.68 -20.55 -15.72
C GLY A 55 6.39 -20.82 -16.45
N GLY A 56 5.57 -21.75 -15.93
CA GLY A 56 4.32 -22.23 -16.55
C GLY A 56 3.23 -21.18 -16.48
N TYR A 57 3.08 -20.56 -15.32
CA TYR A 57 2.25 -19.35 -15.09
C TYR A 57 2.64 -18.24 -16.08
N ILE A 58 3.94 -18.07 -16.38
CA ILE A 58 4.49 -17.04 -17.30
C ILE A 58 4.00 -17.32 -18.73
N TYR A 59 3.69 -18.57 -19.04
CA TYR A 59 2.98 -18.93 -20.29
C TYR A 59 1.55 -18.36 -20.21
N THR A 60 0.84 -18.61 -19.10
CA THR A 60 -0.56 -18.18 -18.86
C THR A 60 -0.61 -16.66 -19.00
N ALA A 61 0.22 -15.96 -18.22
CA ALA A 61 0.23 -14.49 -18.14
C ALA A 61 0.76 -13.93 -19.47
N GLY A 62 1.72 -14.61 -20.07
CA GLY A 62 2.20 -14.25 -21.41
C GLY A 62 1.05 -14.21 -22.40
N LYS A 63 0.25 -15.27 -22.43
CA LYS A 63 -0.86 -15.42 -23.40
C LYS A 63 -1.84 -14.24 -23.26
N CYS A 64 -1.91 -13.68 -22.06
CA CYS A 64 -2.87 -12.62 -21.65
C CYS A 64 -2.16 -11.27 -21.70
N GLY A 65 -0.99 -11.20 -22.31
CA GLY A 65 -0.32 -9.93 -22.68
C GLY A 65 0.70 -9.44 -21.64
N LEU A 66 0.73 -9.99 -20.45
CA LEU A 66 1.75 -9.59 -19.45
C LEU A 66 3.13 -9.94 -20.02
N VAL A 67 4.16 -9.15 -19.70
CA VAL A 67 5.58 -9.42 -20.08
C VAL A 67 6.40 -9.72 -18.83
N PRO A 68 7.55 -10.43 -19.00
CA PRO A 68 8.53 -10.62 -17.93
C PRO A 68 9.41 -9.38 -17.71
N VAL A 69 9.87 -9.13 -16.47
CA VAL A 69 10.62 -7.90 -16.04
C VAL A 69 12.02 -8.25 -15.47
N LEU A 70 12.10 -9.17 -14.52
CA LEU A 70 13.37 -9.62 -13.86
C LEU A 70 13.26 -11.10 -13.50
N ALA A 71 14.31 -11.88 -13.77
CA ALA A 71 14.36 -13.33 -13.46
C ALA A 71 15.07 -13.55 -12.12
N GLU A 72 14.53 -14.43 -11.26
CA GLU A 72 15.26 -14.98 -10.08
C GLU A 72 16.61 -15.54 -10.57
N ASN A 73 17.69 -15.28 -9.83
CA ASN A 73 19.05 -15.82 -10.14
C ASN A 73 19.65 -16.39 -8.87
N ARG A 74 20.17 -17.61 -8.93
CA ARG A 74 20.61 -18.41 -7.76
C ARG A 74 22.14 -18.41 -7.69
N LYS A 75 22.68 -18.96 -6.61
CA LYS A 75 24.15 -19.14 -6.38
C LYS A 75 24.70 -20.07 -7.46
N SER A 76 25.67 -19.59 -8.25
CA SER A 76 26.22 -20.29 -9.44
C SER A 76 27.63 -20.83 -9.14
N SER A 77 27.96 -22.01 -9.68
CA SER A 77 29.33 -22.58 -9.70
C SER A 77 30.18 -21.81 -10.73
N LYS A 78 29.82 -21.93 -12.01
CA LYS A 78 30.48 -21.26 -13.18
C LYS A 78 30.36 -19.73 -13.07
N HIS A 79 31.44 -19.02 -13.41
CA HIS A 79 31.52 -17.53 -13.49
C HIS A 79 30.96 -16.88 -12.22
N SER A 80 31.56 -17.19 -11.06
CA SER A 80 31.08 -16.77 -9.72
C SER A 80 31.38 -15.29 -9.45
N SER A 81 32.16 -14.62 -10.32
CA SER A 81 32.68 -13.25 -10.11
C SER A 81 32.08 -12.26 -11.12
N LEU A 82 30.77 -12.39 -11.41
CA LEU A 82 29.98 -11.36 -12.13
C LEU A 82 28.85 -10.89 -11.21
N ASP A 83 28.51 -9.59 -11.26
CA ASP A 83 27.46 -8.99 -10.39
C ASP A 83 26.15 -9.77 -10.60
N CYS A 84 25.57 -10.27 -9.51
CA CYS A 84 24.43 -11.22 -9.50
C CYS A 84 23.39 -10.83 -10.57
N VAL A 85 23.06 -9.53 -10.64
CA VAL A 85 22.00 -8.93 -11.50
C VAL A 85 22.38 -9.04 -12.98
N LEU A 86 23.69 -9.15 -13.29
CA LEU A 86 24.21 -9.22 -14.68
C LEU A 86 24.68 -10.64 -15.02
N ARG A 87 24.98 -11.47 -14.01
CA ARG A 87 25.31 -12.92 -14.19
C ARG A 87 24.14 -13.57 -14.93
N PRO A 88 24.37 -14.38 -15.98
CA PRO A 88 23.26 -14.99 -16.73
C PRO A 88 22.50 -16.03 -15.89
N THR A 89 21.23 -16.25 -16.21
CA THR A 89 20.34 -17.25 -15.55
C THR A 89 20.81 -18.65 -15.98
N GLU A 90 21.06 -19.54 -15.02
CA GLU A 90 21.70 -20.86 -15.27
C GLU A 90 20.64 -21.97 -15.33
N GLY A 91 19.35 -21.65 -15.35
CA GLY A 91 18.26 -22.64 -15.34
C GLY A 91 18.21 -23.38 -14.01
N TYR A 92 17.31 -24.37 -13.91
CA TYR A 92 17.17 -25.31 -12.75
C TYR A 92 16.64 -26.64 -13.30
N LEU A 93 16.58 -27.66 -12.44
CA LEU A 93 16.44 -29.08 -12.85
C LEU A 93 15.12 -29.68 -12.35
N ALA A 94 14.26 -30.10 -13.29
CA ALA A 94 12.98 -30.78 -13.01
C ALA A 94 13.27 -32.25 -12.78
N VAL A 95 12.97 -32.76 -11.59
CA VAL A 95 13.36 -34.12 -11.15
C VAL A 95 12.14 -34.84 -10.55
N ALA A 96 12.13 -36.17 -10.67
CA ALA A 96 11.17 -37.10 -10.03
C ALA A 96 11.82 -37.73 -8.82
N VAL A 97 11.27 -37.49 -7.63
CA VAL A 97 11.83 -37.91 -6.31
C VAL A 97 10.91 -38.98 -5.73
N VAL A 98 11.48 -40.16 -5.47
CA VAL A 98 10.79 -41.27 -4.76
C VAL A 98 11.60 -41.59 -3.50
N LYS A 99 10.94 -42.15 -2.48
CA LYS A 99 11.62 -42.80 -1.34
C LYS A 99 12.37 -44.03 -1.87
N LYS A 100 13.61 -44.25 -1.41
CA LYS A 100 14.49 -45.41 -1.77
C LYS A 100 13.78 -46.71 -1.36
N ALA A 101 13.22 -46.71 -0.13
CA ALA A 101 12.48 -47.81 0.53
C ALA A 101 11.36 -48.40 -0.35
N ASN A 102 10.81 -47.62 -1.29
CA ASN A 102 9.92 -48.13 -2.37
C ASN A 102 10.78 -48.85 -3.40
N GLU A 103 10.43 -50.09 -3.74
CA GLU A 103 11.21 -50.98 -4.63
C GLU A 103 10.43 -51.22 -5.92
N GLY A 104 11.14 -51.37 -7.05
CA GLY A 104 10.56 -51.65 -8.38
C GLY A 104 9.87 -50.43 -8.96
N LEU A 105 9.66 -49.38 -8.14
CA LEU A 105 9.16 -48.05 -8.59
C LEU A 105 10.22 -47.44 -9.51
N THR A 106 9.86 -47.25 -10.78
CA THR A 106 10.72 -46.60 -11.81
C THR A 106 9.84 -45.65 -12.62
N TRP A 107 10.46 -44.89 -13.52
CA TRP A 107 9.77 -44.00 -14.47
C TRP A 107 8.77 -44.82 -15.29
N ASN A 108 9.09 -46.10 -15.56
CA ASN A 108 8.31 -46.97 -16.48
C ASN A 108 7.29 -47.81 -15.71
N SER A 109 7.17 -47.62 -14.39
CA SER A 109 6.17 -48.29 -13.51
C SER A 109 5.30 -47.25 -12.78
N LEU A 110 5.37 -45.97 -13.18
CA LEU A 110 4.66 -44.82 -12.53
C LEU A 110 3.15 -45.00 -12.69
N LYS A 111 2.72 -45.59 -13.81
CA LYS A 111 1.30 -45.86 -14.14
C LYS A 111 0.59 -46.39 -12.88
N ASP A 112 -0.56 -45.80 -12.55
CA ASP A 112 -1.49 -46.24 -11.46
C ASP A 112 -0.88 -46.04 -10.07
N LYS A 113 0.31 -45.43 -9.95
CA LYS A 113 0.92 -45.02 -8.65
C LYS A 113 0.22 -43.75 -8.12
N LYS A 114 0.72 -43.21 -7.01
CA LYS A 114 0.25 -41.93 -6.41
C LYS A 114 1.30 -40.85 -6.70
N SER A 115 0.90 -39.59 -6.87
CA SER A 115 1.85 -38.50 -7.19
C SER A 115 1.56 -37.25 -6.33
N CYS A 116 2.64 -36.55 -5.95
CA CYS A 116 2.63 -35.15 -5.44
C CYS A 116 3.18 -34.26 -6.56
N HIS A 117 2.48 -33.15 -6.83
CA HIS A 117 2.88 -32.12 -7.83
C HIS A 117 2.95 -30.78 -7.08
N THR A 118 3.87 -29.89 -7.47
CA THR A 118 3.98 -28.53 -6.88
C THR A 118 2.61 -27.87 -6.93
N ALA A 119 2.01 -27.84 -8.13
CA ALA A 119 0.62 -27.43 -8.44
C ALA A 119 0.41 -27.49 -9.96
N VAL A 120 -0.85 -27.40 -10.39
CA VAL A 120 -1.24 -27.52 -11.83
C VAL A 120 -0.64 -26.33 -12.60
N ASP A 121 -0.08 -26.62 -13.79
CA ASP A 121 0.44 -25.63 -14.77
C ASP A 121 1.84 -25.14 -14.39
N ARG A 122 2.37 -25.48 -13.21
CA ARG A 122 3.78 -25.18 -12.86
C ARG A 122 4.68 -26.14 -13.66
N THR A 123 5.97 -25.82 -13.78
CA THR A 123 6.93 -26.49 -14.71
C THR A 123 7.44 -27.83 -14.15
N ALA A 124 7.92 -27.85 -12.92
CA ALA A 124 8.50 -29.09 -12.33
C ALA A 124 7.34 -29.99 -11.86
N GLY A 125 6.31 -29.40 -11.26
CA GLY A 125 5.17 -30.15 -10.69
C GLY A 125 4.25 -30.72 -11.74
N TRP A 126 4.18 -30.12 -12.94
CA TRP A 126 3.11 -30.45 -13.92
C TRP A 126 3.64 -30.39 -15.36
N ASN A 127 4.10 -29.24 -15.83
CA ASN A 127 4.16 -29.01 -17.31
C ASN A 127 5.03 -30.08 -17.96
N ILE A 128 6.22 -30.32 -17.41
CA ILE A 128 7.23 -31.29 -17.91
C ILE A 128 6.78 -32.73 -17.65
N PRO A 129 6.60 -33.21 -16.39
CA PRO A 129 6.21 -34.59 -16.13
C PRO A 129 5.05 -35.08 -17.00
N MET A 130 3.94 -34.33 -16.95
CA MET A 130 2.65 -34.70 -17.59
C MET A 130 2.79 -34.50 -19.09
N GLY A 131 3.51 -33.48 -19.51
CA GLY A 131 3.88 -33.28 -20.93
C GLY A 131 4.50 -34.55 -21.53
N LEU A 132 5.48 -35.15 -20.84
CA LEU A 132 6.20 -36.35 -21.33
C LEU A 132 5.26 -37.56 -21.25
N ILE A 133 4.67 -37.81 -20.06
CA ILE A 133 3.74 -38.96 -19.82
C ILE A 133 2.75 -39.06 -20.98
N VAL A 134 2.07 -37.98 -21.35
CA VAL A 134 1.11 -37.94 -22.50
C VAL A 134 1.85 -38.37 -23.76
N ASN A 135 3.05 -37.84 -23.98
CA ASN A 135 3.83 -38.07 -25.23
C ASN A 135 4.22 -39.55 -25.32
N GLN A 136 4.45 -40.19 -24.15
CA GLN A 136 4.85 -41.63 -24.08
C GLN A 136 3.62 -42.52 -24.26
N THR A 137 2.55 -42.29 -23.48
CA THR A 137 1.29 -43.08 -23.49
C THR A 137 0.56 -42.97 -24.84
N GLY A 138 0.72 -41.84 -25.55
CA GLY A 138 -0.05 -41.50 -26.77
C GLY A 138 -1.47 -41.06 -26.46
N SER A 139 -1.88 -41.11 -25.18
CA SER A 139 -3.22 -40.72 -24.69
C SER A 139 -3.14 -39.33 -24.02
N CYS A 140 -4.26 -38.59 -24.01
CA CYS A 140 -4.43 -37.27 -23.35
C CYS A 140 -5.08 -37.42 -21.97
N ALA A 141 -5.19 -38.64 -21.44
CA ALA A 141 -5.92 -38.94 -20.19
C ALA A 141 -4.94 -38.96 -19.01
N PHE A 142 -4.25 -37.84 -18.77
CA PHE A 142 -3.38 -37.61 -17.58
C PHE A 142 -4.24 -37.55 -16.31
N ASP A 143 -5.53 -37.22 -16.46
CA ASP A 143 -6.50 -37.18 -15.34
C ASP A 143 -6.71 -38.60 -14.80
N GLU A 144 -6.26 -39.64 -15.51
CA GLU A 144 -6.44 -41.06 -15.09
C GLU A 144 -5.09 -41.81 -15.00
N PHE A 145 -3.94 -41.17 -15.11
CA PHE A 145 -2.63 -41.88 -15.18
C PHE A 145 -2.27 -42.40 -13.79
N PHE A 146 -2.21 -41.50 -12.81
CA PHE A 146 -1.98 -41.80 -11.38
C PHE A 146 -3.31 -42.22 -10.73
N SER A 147 -3.30 -43.23 -9.87
CA SER A 147 -4.49 -43.72 -9.12
C SER A 147 -5.16 -42.54 -8.40
N GLN A 148 -4.38 -41.83 -7.59
CA GLN A 148 -4.73 -40.58 -6.85
C GLN A 148 -3.50 -39.66 -6.91
N SER A 149 -3.68 -38.34 -6.87
CA SER A 149 -2.56 -37.37 -6.74
C SER A 149 -2.92 -36.28 -5.73
N CYS A 150 -1.92 -35.48 -5.35
CA CYS A 150 -2.11 -34.05 -4.95
C CYS A 150 -1.56 -33.19 -6.10
N ALA A 151 -2.38 -32.27 -6.59
CA ALA A 151 -2.00 -31.36 -7.69
C ALA A 151 -2.82 -30.09 -7.52
N PRO A 152 -2.48 -29.27 -6.49
CA PRO A 152 -3.27 -28.08 -6.17
C PRO A 152 -3.56 -27.26 -7.43
N GLY A 153 -4.82 -26.80 -7.56
CA GLY A 153 -5.30 -26.06 -8.74
C GLY A 153 -6.12 -26.92 -9.69
N ALA A 154 -6.17 -28.24 -9.44
CA ALA A 154 -7.02 -29.17 -10.23
C ALA A 154 -8.44 -29.04 -9.69
N ASP A 155 -9.35 -29.79 -10.29
CA ASP A 155 -10.75 -29.94 -9.81
C ASP A 155 -10.70 -30.54 -8.39
N PRO A 156 -11.07 -29.78 -7.34
CA PRO A 156 -11.04 -30.32 -5.96
C PRO A 156 -12.01 -31.47 -5.68
N LYS A 157 -12.89 -31.81 -6.63
CA LYS A 157 -13.75 -33.02 -6.59
C LYS A 157 -13.23 -34.00 -7.65
N SER A 158 -11.91 -34.19 -7.74
CA SER A 158 -11.28 -35.18 -8.64
C SER A 158 -10.20 -35.94 -7.86
N ARG A 159 -9.57 -36.90 -8.55
CA ARG A 159 -8.54 -37.78 -7.97
C ARG A 159 -7.25 -36.98 -7.77
N LEU A 160 -7.05 -35.93 -8.57
CA LEU A 160 -5.77 -35.18 -8.59
C LEU A 160 -5.67 -34.34 -7.31
N CYS A 161 -6.80 -34.02 -6.68
CA CYS A 161 -6.88 -33.30 -5.38
C CYS A 161 -7.21 -34.26 -4.22
N ALA A 162 -7.20 -35.58 -4.48
CA ALA A 162 -7.66 -36.63 -3.53
C ALA A 162 -6.71 -36.70 -2.32
N LEU A 163 -5.41 -36.47 -2.56
CA LEU A 163 -4.29 -36.58 -1.57
C LEU A 163 -3.93 -35.21 -0.97
N CYS A 164 -4.46 -34.10 -1.50
CA CYS A 164 -4.23 -32.72 -0.97
C CYS A 164 -4.96 -32.59 0.37
N ALA A 165 -4.26 -32.21 1.44
CA ALA A 165 -4.68 -32.36 2.85
C ALA A 165 -5.38 -31.11 3.39
N GLY A 166 -5.02 -29.92 2.90
CA GLY A 166 -5.68 -28.65 3.23
C GLY A 166 -4.86 -27.83 4.21
N ASP A 167 -5.49 -26.89 4.90
CA ASP A 167 -4.85 -26.08 5.98
C ASP A 167 -4.80 -26.90 7.28
N ASP A 168 -4.64 -26.24 8.42
CA ASP A 168 -4.59 -26.87 9.77
C ASP A 168 -5.89 -27.64 10.00
N GLN A 169 -7.04 -27.01 9.71
CA GLN A 169 -8.40 -27.56 9.91
C GLN A 169 -8.84 -28.37 8.68
N GLY A 170 -7.97 -28.48 7.66
CA GLY A 170 -8.20 -29.30 6.46
C GLY A 170 -9.13 -28.62 5.47
N LEU A 171 -9.48 -27.35 5.70
CA LEU A 171 -10.31 -26.53 4.79
C LEU A 171 -9.43 -26.08 3.62
N ASP A 172 -10.05 -25.55 2.56
CA ASP A 172 -9.36 -25.02 1.35
C ASP A 172 -8.47 -26.12 0.74
N LYS A 173 -8.97 -27.36 0.73
CA LYS A 173 -8.28 -28.54 0.15
C LYS A 173 -7.97 -28.31 -1.33
N CYS A 174 -6.68 -28.36 -1.68
CA CYS A 174 -6.18 -28.33 -3.09
C CYS A 174 -6.09 -26.90 -3.67
N VAL A 175 -6.46 -25.85 -2.91
CA VAL A 175 -6.27 -24.43 -3.34
C VAL A 175 -4.79 -24.24 -3.66
N PRO A 176 -4.41 -23.78 -4.86
CA PRO A 176 -3.00 -23.57 -5.22
C PRO A 176 -2.33 -22.39 -4.48
N ASN A 177 -2.13 -22.59 -3.17
CA ASN A 177 -1.75 -21.55 -2.18
C ASN A 177 -1.05 -22.26 -1.00
N SER A 178 -0.04 -21.62 -0.43
CA SER A 178 0.81 -22.12 0.68
C SER A 178 -0.01 -22.66 1.87
N LYS A 179 -1.27 -22.28 2.04
CA LYS A 179 -2.12 -22.81 3.13
C LYS A 179 -2.44 -24.30 2.90
N GLU A 180 -2.34 -24.80 1.67
CA GLU A 180 -2.44 -26.26 1.36
C GLU A 180 -1.09 -26.91 1.71
N LYS A 181 -1.09 -27.83 2.68
CA LYS A 181 0.09 -28.50 3.26
C LYS A 181 1.06 -28.97 2.16
N TYR A 182 0.57 -29.33 0.97
CA TYR A 182 1.39 -29.96 -0.11
C TYR A 182 1.50 -29.05 -1.36
N TYR A 183 1.19 -27.75 -1.21
CA TYR A 183 1.30 -26.76 -2.30
C TYR A 183 2.78 -26.42 -2.50
N GLY A 184 3.17 -26.13 -3.73
CA GLY A 184 4.50 -25.62 -4.07
C GLY A 184 5.54 -26.71 -4.07
N TYR A 185 6.82 -26.36 -3.87
CA TYR A 185 7.98 -27.27 -3.98
C TYR A 185 8.10 -28.03 -2.66
N THR A 186 8.19 -27.26 -1.57
CA THR A 186 8.15 -27.76 -0.18
C THR A 186 7.04 -28.80 -0.08
N GLY A 187 5.80 -28.40 -0.42
CA GLY A 187 4.58 -29.22 -0.24
C GLY A 187 4.67 -30.58 -0.91
N ALA A 188 5.13 -30.60 -2.16
CA ALA A 188 5.37 -31.83 -2.96
C ALA A 188 6.29 -32.75 -2.16
N PHE A 189 7.36 -32.21 -1.57
CA PHE A 189 8.35 -32.97 -0.78
C PHE A 189 7.63 -33.55 0.43
N ARG A 190 7.07 -32.69 1.29
CA ARG A 190 6.38 -33.11 2.54
C ARG A 190 5.33 -34.19 2.24
N CYS A 191 4.69 -34.11 1.08
CA CYS A 191 3.69 -35.09 0.56
C CYS A 191 4.37 -36.44 0.31
N LEU A 192 5.59 -36.44 -0.25
CA LEU A 192 6.40 -37.68 -0.48
C LEU A 192 7.05 -38.12 0.82
N ALA A 193 7.47 -37.18 1.67
CA ALA A 193 8.07 -37.45 2.99
C ALA A 193 7.12 -38.29 3.84
N GLU A 194 5.87 -37.84 3.98
CA GLU A 194 4.84 -38.49 4.85
C GLU A 194 4.19 -39.68 4.11
N ASP A 195 4.77 -40.07 2.97
CA ASP A 195 4.40 -41.29 2.19
C ASP A 195 2.90 -41.25 1.84
N VAL A 196 2.32 -40.05 1.76
CA VAL A 196 0.95 -39.80 1.23
C VAL A 196 0.99 -40.04 -0.29
N GLY A 197 2.17 -39.90 -0.90
CA GLY A 197 2.40 -40.09 -2.35
C GLY A 197 3.64 -40.90 -2.61
N ASP A 198 3.69 -41.58 -3.76
CA ASP A 198 4.73 -42.57 -4.13
C ASP A 198 5.90 -41.83 -4.79
N VAL A 199 5.60 -40.78 -5.55
CA VAL A 199 6.58 -39.90 -6.26
C VAL A 199 6.22 -38.45 -5.96
N ALA A 200 7.17 -37.52 -6.09
CA ALA A 200 6.94 -36.05 -6.03
C ALA A 200 7.71 -35.38 -7.16
N PHE A 201 7.05 -34.52 -7.94
CA PHE A 201 7.66 -33.78 -9.07
C PHE A 201 8.10 -32.41 -8.56
N VAL A 202 9.40 -32.26 -8.26
CA VAL A 202 10.02 -31.01 -7.73
C VAL A 202 11.25 -30.68 -8.56
N LYS A 203 11.95 -29.60 -8.18
CA LYS A 203 13.25 -29.18 -8.79
C LYS A 203 14.36 -29.80 -7.94
N ASN A 204 15.55 -29.97 -8.54
CA ASN A 204 16.74 -30.54 -7.85
C ASN A 204 16.85 -29.96 -6.43
N ASP A 205 16.83 -28.64 -6.32
CA ASP A 205 17.25 -27.86 -5.12
C ASP A 205 16.36 -28.16 -3.91
N THR A 206 15.26 -28.88 -4.11
CA THR A 206 14.17 -29.02 -3.10
C THR A 206 14.59 -30.04 -2.04
N VAL A 207 15.32 -31.08 -2.48
CA VAL A 207 15.70 -32.27 -1.66
C VAL A 207 16.78 -31.82 -0.67
N TRP A 208 17.80 -31.10 -1.18
CA TRP A 208 18.96 -30.63 -0.40
C TRP A 208 18.51 -29.71 0.74
N GLU A 209 17.57 -28.80 0.43
CA GLU A 209 17.16 -27.69 1.32
C GLU A 209 16.23 -28.20 2.45
N ASN A 210 15.82 -29.46 2.40
CA ASN A 210 14.80 -30.04 3.32
C ASN A 210 15.29 -31.35 3.95
N THR A 211 16.41 -31.91 3.46
CA THR A 211 17.12 -33.08 4.06
C THR A 211 18.38 -32.61 4.78
N ASN A 212 18.90 -33.44 5.69
CA ASN A 212 20.20 -33.21 6.40
C ASN A 212 20.06 -31.98 7.32
N GLY A 213 18.89 -31.81 7.94
CA GLY A 213 18.60 -30.70 8.88
C GLY A 213 18.99 -29.33 8.35
N GLU A 214 18.92 -29.12 7.02
CA GLU A 214 19.10 -27.80 6.36
C GLU A 214 17.80 -27.00 6.51
N SER A 215 16.73 -27.64 6.99
CA SER A 215 15.44 -27.02 7.39
C SER A 215 15.19 -27.37 8.86
N THR A 216 14.57 -26.48 9.64
CA THR A 216 14.25 -26.65 11.09
C THR A 216 12.77 -27.08 11.25
N ALA A 217 12.03 -27.21 10.15
CA ALA A 217 10.60 -27.60 10.12
C ALA A 217 10.44 -28.99 10.76
N ASP A 218 9.37 -29.19 11.53
CA ASP A 218 9.10 -30.45 12.29
C ASP A 218 9.16 -31.65 11.32
N TRP A 219 8.56 -31.51 10.13
CA TRP A 219 8.47 -32.61 9.13
C TRP A 219 9.83 -32.88 8.47
N ALA A 220 10.68 -31.86 8.30
CA ALA A 220 11.89 -31.93 7.43
C ALA A 220 13.18 -32.10 8.24
N LYS A 221 13.18 -31.76 9.53
CA LYS A 221 14.41 -31.65 10.37
C LYS A 221 15.13 -33.00 10.41
N ASN A 222 14.39 -34.11 10.34
CA ASN A 222 14.92 -35.50 10.55
C ASN A 222 15.10 -36.22 9.20
N LEU A 223 14.77 -35.58 8.08
CA LEU A 223 14.84 -36.21 6.73
C LEU A 223 16.31 -36.45 6.35
N LYS A 224 16.59 -37.56 5.67
CA LYS A 224 17.96 -38.01 5.29
C LYS A 224 18.04 -38.22 3.77
N ARG A 225 18.96 -37.53 3.09
CA ARG A 225 19.22 -37.61 1.63
C ARG A 225 19.19 -39.07 1.13
N GLU A 226 19.78 -40.00 1.89
CA GLU A 226 20.00 -41.42 1.51
C GLU A 226 18.66 -42.17 1.37
N ASP A 227 17.57 -41.63 1.95
CA ASP A 227 16.23 -42.29 1.96
C ASP A 227 15.43 -41.90 0.71
N PHE A 228 16.01 -41.10 -0.19
CA PHE A 228 15.36 -40.59 -1.42
C PHE A 228 16.19 -41.00 -2.65
N ARG A 229 15.53 -41.23 -3.78
CA ARG A 229 16.19 -41.57 -5.08
C ARG A 229 15.48 -40.80 -6.19
N LEU A 230 16.21 -40.50 -7.28
CA LEU A 230 15.73 -39.72 -8.44
C LEU A 230 15.45 -40.66 -9.61
N LEU A 231 14.22 -40.66 -10.12
CA LEU A 231 13.81 -41.42 -11.35
C LEU A 231 14.31 -40.70 -12.61
N CYS A 232 14.66 -41.47 -13.64
CA CYS A 232 15.27 -41.04 -14.92
C CYS A 232 14.40 -41.50 -16.09
N LEU A 233 14.53 -40.85 -17.25
CA LEU A 233 13.87 -41.26 -18.53
C LEU A 233 14.55 -42.55 -19.04
N ASP A 234 15.78 -42.78 -18.58
CA ASP A 234 16.57 -44.03 -18.67
C ASP A 234 15.73 -45.20 -18.15
N GLY A 235 14.85 -44.98 -17.18
CA GLY A 235 14.11 -46.03 -16.44
C GLY A 235 14.87 -46.42 -15.20
N THR A 236 15.99 -45.73 -14.93
CA THR A 236 16.98 -46.06 -13.86
C THR A 236 16.66 -45.23 -12.59
N ARG A 237 17.22 -45.62 -11.45
CA ARG A 237 17.18 -44.84 -10.18
C ARG A 237 18.62 -44.47 -9.79
N LYS A 238 18.78 -43.45 -8.94
CA LYS A 238 20.07 -42.81 -8.56
C LYS A 238 19.82 -41.96 -7.32
N PRO A 239 20.84 -41.64 -6.49
CA PRO A 239 20.66 -40.73 -5.36
C PRO A 239 20.76 -39.25 -5.80
N VAL A 240 20.46 -38.35 -4.86
CA VAL A 240 20.28 -36.88 -5.12
C VAL A 240 21.51 -36.33 -5.85
N THR A 241 22.68 -36.92 -5.62
CA THR A 241 24.00 -36.42 -6.07
C THR A 241 24.08 -36.50 -7.61
N GLU A 242 23.36 -37.43 -8.24
CA GLU A 242 23.46 -37.70 -9.70
C GLU A 242 22.35 -36.94 -10.44
N ALA A 243 21.92 -35.79 -9.91
CA ALA A 243 20.79 -34.98 -10.43
C ALA A 243 21.08 -34.52 -11.86
N GLN A 244 22.32 -34.15 -12.18
CA GLN A 244 22.72 -33.67 -13.53
C GLN A 244 22.52 -34.79 -14.57
N SER A 245 22.45 -36.06 -14.14
CA SER A 245 22.27 -37.25 -15.00
C SER A 245 20.92 -37.94 -14.74
N CYS A 246 20.20 -37.55 -13.67
CA CYS A 246 18.83 -38.05 -13.36
C CYS A 246 17.89 -36.86 -13.13
N HIS A 247 17.58 -36.11 -14.20
CA HIS A 247 16.65 -34.94 -14.23
C HIS A 247 15.70 -35.04 -15.43
N LEU A 248 14.44 -34.64 -15.23
CA LEU A 248 13.35 -34.72 -16.24
C LEU A 248 13.52 -33.60 -17.29
N ALA A 249 13.90 -32.38 -16.88
CA ALA A 249 14.07 -31.23 -17.80
C ALA A 249 14.80 -30.05 -17.15
N VAL A 250 15.16 -29.07 -17.99
CA VAL A 250 15.74 -27.75 -17.61
C VAL A 250 14.62 -26.70 -17.60
N ALA A 251 14.19 -26.29 -16.41
CA ALA A 251 13.13 -25.28 -16.19
C ALA A 251 13.71 -23.87 -16.23
N PRO A 252 13.12 -22.94 -17.01
CA PRO A 252 13.43 -21.52 -16.88
C PRO A 252 13.08 -21.05 -15.46
N ASN A 253 13.87 -20.14 -14.88
CA ASN A 253 13.76 -19.69 -13.47
C ASN A 253 12.46 -18.89 -13.30
N HIS A 254 11.94 -18.83 -12.07
CA HIS A 254 10.80 -17.96 -11.72
C HIS A 254 11.19 -16.51 -12.05
N ALA A 255 10.19 -15.68 -12.37
CA ALA A 255 10.40 -14.29 -12.83
C ALA A 255 9.21 -13.43 -12.45
N VAL A 256 9.43 -12.11 -12.49
CA VAL A 256 8.42 -11.04 -12.22
C VAL A 256 7.76 -10.71 -13.56
N VAL A 257 6.44 -10.94 -13.64
CA VAL A 257 5.56 -10.49 -14.77
C VAL A 257 4.89 -9.18 -14.36
N SER A 258 4.63 -8.32 -15.34
CA SER A 258 3.78 -7.11 -15.19
C SER A 258 3.19 -6.75 -16.55
N ARG A 259 2.31 -5.75 -16.57
CA ARG A 259 1.72 -5.17 -17.80
C ARG A 259 2.82 -4.34 -18.47
N SER A 260 2.91 -4.35 -19.81
CA SER A 260 3.97 -3.65 -20.60
C SER A 260 4.08 -2.20 -20.14
N ASP A 261 2.94 -1.52 -19.95
CA ASP A 261 2.87 -0.09 -19.56
C ASP A 261 3.61 0.15 -18.24
N ARG A 262 3.67 -0.83 -17.32
CA ARG A 262 4.22 -0.60 -15.96
C ARG A 262 5.53 -1.39 -15.72
N ALA A 263 6.12 -2.01 -16.72
CA ALA A 263 7.31 -2.88 -16.50
C ALA A 263 8.47 -2.03 -15.97
N ALA A 264 8.96 -1.11 -16.80
CA ALA A 264 10.15 -0.25 -16.53
C ALA A 264 10.13 0.29 -15.11
N HIS A 265 8.95 0.64 -14.58
CA HIS A 265 8.74 1.23 -13.24
C HIS A 265 8.95 0.13 -12.20
N VAL A 266 8.26 -1.00 -12.39
CA VAL A 266 8.39 -2.22 -11.54
C VAL A 266 9.86 -2.64 -11.43
N GLU A 267 10.57 -2.81 -12.56
CA GLU A 267 12.01 -3.16 -12.62
C GLU A 267 12.79 -2.21 -11.71
N GLN A 268 12.76 -0.90 -12.01
CA GLN A 268 13.40 0.17 -11.22
C GLN A 268 13.12 -0.09 -9.74
N VAL A 269 11.86 -0.02 -9.34
CA VAL A 269 11.45 -0.04 -7.90
C VAL A 269 12.14 -1.23 -7.23
N LEU A 270 12.09 -2.39 -7.89
CA LEU A 270 12.58 -3.70 -7.38
C LEU A 270 14.11 -3.67 -7.27
N LEU A 271 14.81 -3.38 -8.36
CA LEU A 271 16.29 -3.23 -8.35
C LEU A 271 16.70 -2.53 -7.05
N HIS A 272 16.01 -1.44 -6.69
CA HIS A 272 16.23 -0.70 -5.42
C HIS A 272 15.78 -1.52 -4.22
N GLN A 273 14.72 -2.32 -4.34
CA GLN A 273 14.12 -3.03 -3.17
C GLN A 273 15.05 -4.17 -2.76
N GLN A 274 15.64 -4.88 -3.73
CA GLN A 274 16.66 -5.92 -3.47
C GLN A 274 17.87 -5.21 -2.84
N ALA A 275 18.28 -4.04 -3.37
CA ALA A 275 19.41 -3.23 -2.86
C ALA A 275 19.29 -3.01 -1.35
N LEU A 276 18.08 -2.72 -0.86
CA LEU A 276 17.83 -2.38 0.57
C LEU A 276 17.45 -3.63 1.38
N PHE A 277 16.72 -4.59 0.78
CA PHE A 277 16.05 -5.71 1.49
C PHE A 277 16.42 -7.08 0.90
N GLY A 278 17.23 -7.11 -0.17
CA GLY A 278 17.78 -8.34 -0.76
C GLY A 278 18.82 -9.02 0.14
N LYS A 279 19.63 -9.91 -0.45
CA LYS A 279 20.54 -10.81 0.31
C LYS A 279 21.54 -9.96 1.10
N ASN A 280 22.13 -8.97 0.44
CA ASN A 280 23.18 -8.08 1.01
C ASN A 280 22.56 -6.70 1.28
N GLY A 281 21.24 -6.60 1.35
CA GLY A 281 20.52 -5.33 1.55
C GLY A 281 20.75 -4.78 2.94
N LYS A 282 21.03 -3.48 3.04
CA LYS A 282 21.36 -2.78 4.31
C LYS A 282 20.34 -3.13 5.41
N ASN A 283 19.09 -3.41 5.04
CA ASN A 283 17.97 -3.54 6.01
C ASN A 283 17.70 -5.02 6.28
N CYS A 284 18.50 -5.91 5.68
CA CYS A 284 18.51 -7.38 5.96
C CYS A 284 19.37 -7.61 7.19
N PRO A 285 18.98 -8.49 8.15
CA PRO A 285 17.59 -8.65 8.59
C PRO A 285 17.20 -7.56 9.61
N ASP A 286 17.88 -6.41 9.56
CA ASP A 286 17.70 -5.30 10.52
C ASP A 286 16.24 -4.80 10.45
N LYS A 287 15.59 -4.90 9.29
CA LYS A 287 14.22 -4.39 9.07
C LYS A 287 13.35 -5.43 8.35
N PHE A 288 13.80 -5.90 7.18
CA PHE A 288 13.03 -6.82 6.31
C PHE A 288 13.89 -7.49 5.24
N CYS A 289 13.89 -8.83 5.19
CA CYS A 289 14.65 -9.63 4.18
C CYS A 289 13.68 -10.14 3.13
N LEU A 290 13.85 -9.70 1.89
CA LEU A 290 12.82 -9.85 0.82
C LEU A 290 12.83 -11.29 0.29
N PHE A 291 14.00 -11.92 0.20
CA PHE A 291 14.12 -13.31 -0.28
C PHE A 291 14.20 -14.30 0.90
N LYS A 292 13.53 -14.02 2.03
CA LYS A 292 13.44 -14.96 3.19
C LYS A 292 12.02 -14.97 3.78
N SER A 293 11.47 -16.17 4.01
CA SER A 293 10.10 -16.39 4.56
C SER A 293 10.15 -17.34 5.76
N GLU A 294 10.63 -18.57 5.55
CA GLU A 294 10.74 -19.70 6.53
C GLU A 294 10.70 -21.06 5.81
N THR A 295 11.51 -21.24 4.76
CA THR A 295 11.50 -22.41 3.82
C THR A 295 10.13 -22.48 3.11
N LYS A 296 9.38 -21.37 3.13
CA LYS A 296 7.98 -21.31 2.65
C LYS A 296 7.95 -20.61 1.29
N ASN A 297 9.11 -20.26 0.73
CA ASN A 297 9.27 -19.68 -0.63
C ASN A 297 8.13 -18.68 -0.94
N LEU A 298 7.84 -17.77 0.00
CA LEU A 298 6.71 -16.80 -0.09
C LEU A 298 7.14 -15.60 -0.94
N LEU A 299 6.37 -15.29 -1.99
CA LEU A 299 6.58 -14.15 -2.93
C LEU A 299 7.76 -14.44 -3.86
N PHE A 300 8.92 -14.79 -3.30
CA PHE A 300 10.11 -15.28 -4.05
C PHE A 300 10.60 -16.60 -3.44
N ASN A 301 11.31 -17.40 -4.23
CA ASN A 301 12.07 -18.58 -3.72
C ASN A 301 13.21 -18.14 -2.79
N ASP A 302 13.38 -18.88 -1.69
CA ASP A 302 14.36 -18.58 -0.61
C ASP A 302 15.79 -18.79 -1.10
N ASN A 303 15.98 -19.56 -2.19
CA ASN A 303 17.30 -19.83 -2.83
C ASN A 303 17.65 -18.74 -3.86
N THR A 304 17.15 -17.52 -3.68
CA THR A 304 17.34 -16.39 -4.65
C THR A 304 18.40 -15.47 -4.04
N GLU A 305 19.46 -15.19 -4.81
CA GLU A 305 20.53 -14.21 -4.46
C GLU A 305 20.01 -12.80 -4.75
N CYS A 306 19.52 -12.62 -5.97
CA CYS A 306 19.00 -11.33 -6.53
C CYS A 306 18.12 -11.61 -7.74
N LEU A 307 17.07 -10.80 -7.93
CA LEU A 307 16.34 -10.69 -9.22
C LEU A 307 17.28 -10.07 -10.25
N ALA A 308 17.48 -10.72 -11.39
CA ALA A 308 18.49 -10.34 -12.40
C ALA A 308 17.80 -9.68 -13.58
N LYS A 309 18.51 -8.84 -14.34
CA LYS A 309 18.01 -8.18 -15.56
C LYS A 309 17.88 -9.24 -16.65
N LEU A 310 17.34 -8.87 -17.80
CA LEU A 310 17.11 -9.76 -18.97
C LEU A 310 17.84 -9.17 -20.19
N GLY A 311 17.90 -9.90 -21.30
CA GLY A 311 18.43 -9.40 -22.59
C GLY A 311 17.38 -8.62 -23.35
N GLY A 312 17.46 -7.28 -23.32
CA GLY A 312 16.49 -6.38 -23.98
C GLY A 312 15.15 -6.43 -23.28
N ARG A 313 14.05 -6.33 -24.04
CA ARG A 313 12.64 -6.39 -23.55
C ARG A 313 12.01 -7.69 -24.07
N PRO A 314 12.20 -8.85 -23.39
CA PRO A 314 11.82 -10.14 -23.94
C PRO A 314 10.31 -10.43 -23.81
N THR A 315 9.86 -11.45 -24.54
CA THR A 315 8.47 -11.98 -24.56
C THR A 315 8.49 -13.32 -23.80
N TYR A 316 7.33 -13.83 -23.40
CA TYR A 316 7.19 -15.12 -22.67
C TYR A 316 7.82 -16.25 -23.49
N GLU A 317 7.69 -16.18 -24.82
CA GLU A 317 8.30 -17.14 -25.81
C GLU A 317 9.82 -17.13 -25.64
N GLU A 318 10.45 -15.98 -25.89
CA GLU A 318 11.91 -15.80 -25.81
C GLU A 318 12.40 -16.25 -24.43
N TYR A 319 11.79 -15.76 -23.34
CA TYR A 319 12.31 -15.99 -21.97
C TYR A 319 12.12 -17.44 -21.53
N LEU A 320 11.06 -18.12 -21.99
CA LEU A 320 10.81 -19.56 -21.65
C LEU A 320 11.58 -20.46 -22.63
N GLY A 321 11.82 -19.98 -23.85
CA GLY A 321 12.51 -20.74 -24.91
C GLY A 321 11.52 -21.49 -25.76
N THR A 322 11.73 -21.49 -27.09
CA THR A 322 10.79 -22.08 -28.08
C THR A 322 10.53 -23.55 -27.76
N GLU A 323 11.54 -24.26 -27.24
CA GLU A 323 11.38 -25.69 -26.87
C GLU A 323 10.26 -25.81 -25.84
N TYR A 324 10.38 -25.11 -24.70
CA TYR A 324 9.47 -25.28 -23.53
C TYR A 324 8.06 -24.83 -23.91
N VAL A 325 7.95 -23.78 -24.73
CA VAL A 325 6.63 -23.27 -25.21
C VAL A 325 5.91 -24.40 -25.97
N THR A 326 6.62 -25.14 -26.84
CA THR A 326 6.00 -26.17 -27.70
C THR A 326 5.57 -27.36 -26.83
N ALA A 327 6.38 -27.75 -25.84
CA ALA A 327 6.02 -28.80 -24.85
C ALA A 327 4.76 -28.39 -24.09
N ILE A 328 4.71 -27.15 -23.59
CA ILE A 328 3.51 -26.64 -22.84
C ILE A 328 2.29 -26.77 -23.76
N ALA A 329 2.38 -26.15 -24.96
CA ALA A 329 1.36 -26.08 -26.03
C ALA A 329 0.72 -27.45 -26.24
N ASN A 330 1.54 -28.49 -26.39
CA ASN A 330 1.09 -29.87 -26.75
C ASN A 330 0.35 -30.51 -25.57
N LEU A 331 0.73 -30.18 -24.34
CA LEU A 331 0.02 -30.67 -23.12
C LEU A 331 -1.33 -29.96 -23.02
N LYS A 332 -1.35 -28.66 -23.36
CA LYS A 332 -2.54 -27.79 -23.23
C LYS A 332 -3.61 -28.16 -24.28
N LYS A 333 -3.23 -28.73 -25.42
CA LYS A 333 -4.17 -29.31 -26.41
C LYS A 333 -5.00 -30.40 -25.72
N CYS A 334 -4.44 -31.11 -24.76
CA CYS A 334 -5.15 -32.18 -24.01
C CYS A 334 -6.25 -31.59 -23.11
N SER A 335 -5.99 -30.47 -22.44
CA SER A 335 -6.94 -29.84 -21.48
C SER A 335 -6.81 -28.31 -21.50
N THR A 336 -7.95 -27.62 -21.48
CA THR A 336 -8.05 -26.14 -21.52
C THR A 336 -8.06 -25.60 -20.08
N SER A 337 -7.63 -24.35 -19.88
CA SER A 337 -7.79 -23.56 -18.62
C SER A 337 -8.62 -22.32 -18.93
N PRO A 338 -9.37 -21.76 -17.95
CA PRO A 338 -10.22 -20.60 -18.21
C PRO A 338 -9.45 -19.42 -18.83
N LEU A 339 -8.36 -19.02 -18.19
CA LEU A 339 -7.62 -17.79 -18.54
C LEU A 339 -7.04 -17.92 -19.96
N LEU A 340 -6.59 -19.11 -20.36
CA LEU A 340 -6.01 -19.36 -21.70
C LEU A 340 -7.09 -19.20 -22.77
N GLU A 341 -8.23 -19.87 -22.59
CA GLU A 341 -9.40 -19.71 -23.48
C GLU A 341 -9.73 -18.20 -23.56
N ALA A 342 -9.94 -17.56 -22.41
CA ALA A 342 -10.37 -16.15 -22.30
C ALA A 342 -9.45 -15.20 -23.06
N CYS A 343 -8.12 -15.47 -23.10
CA CYS A 343 -7.10 -14.54 -23.65
C CYS A 343 -6.60 -14.96 -25.03
N ALA A 344 -6.94 -16.15 -25.48
CA ALA A 344 -6.44 -16.71 -26.76
C ALA A 344 -6.39 -15.65 -27.86
N PHE A 345 -7.33 -14.71 -27.94
CA PHE A 345 -7.48 -13.81 -29.12
C PHE A 345 -6.26 -12.87 -29.20
N LEU A 346 -5.66 -12.56 -28.06
CA LEU A 346 -4.55 -11.56 -27.91
C LEU A 346 -3.27 -12.09 -28.58
N THR A 347 -2.99 -13.37 -28.38
CA THR A 347 -1.72 -14.03 -28.79
C THR A 347 -1.89 -14.57 -30.22
N ARG A 348 -3.13 -14.87 -30.63
CA ARG A 348 -3.46 -15.29 -32.01
C ARG A 348 -3.29 -14.09 -32.95
N TYR B 1 3.04 46.76 -5.63
CA TYR B 1 3.60 45.67 -4.78
C TYR B 1 3.69 46.05 -3.29
N THR B 2 3.06 47.13 -2.83
CA THR B 2 3.04 47.50 -1.38
C THR B 2 1.94 46.68 -0.70
N ARG B 3 0.81 46.48 -1.38
CA ARG B 3 -0.35 45.74 -0.81
C ARG B 3 0.06 44.30 -0.58
N VAL B 4 -0.83 43.53 0.06
CA VAL B 4 -0.78 42.05 0.21
C VAL B 4 -2.14 41.51 -0.23
N VAL B 5 -2.17 40.83 -1.38
CA VAL B 5 -3.41 40.21 -1.92
C VAL B 5 -3.61 38.89 -1.17
N TRP B 6 -4.59 38.86 -0.25
CA TRP B 6 -4.92 37.69 0.61
C TRP B 6 -5.88 36.75 -0.14
N CYS B 7 -5.59 35.46 -0.21
CA CYS B 7 -6.48 34.53 -0.94
C CYS B 7 -7.50 33.91 0.00
N ALA B 8 -8.77 33.98 -0.40
CA ALA B 8 -9.96 33.55 0.34
C ALA B 8 -10.54 32.29 -0.31
N VAL B 9 -10.89 31.31 0.51
CA VAL B 9 -11.44 29.99 0.11
C VAL B 9 -12.93 29.97 0.48
N GLY B 10 -13.79 30.31 -0.49
CA GLY B 10 -15.27 30.33 -0.34
C GLY B 10 -15.80 31.75 -0.19
N PRO B 11 -17.13 31.96 -0.32
CA PRO B 11 -17.75 33.29 -0.11
C PRO B 11 -17.74 33.79 1.35
N GLU B 12 -17.97 32.89 2.31
CA GLU B 12 -17.97 33.23 3.77
C GLU B 12 -16.60 33.84 4.11
N GLU B 13 -15.51 33.18 3.68
CA GLU B 13 -14.12 33.70 3.80
C GLU B 13 -14.01 35.03 3.05
N GLN B 14 -14.67 35.15 1.89
CA GLN B 14 -14.63 36.37 1.03
C GLN B 14 -15.09 37.58 1.85
N LYS B 15 -16.32 37.53 2.39
CA LYS B 15 -16.93 38.66 3.13
C LYS B 15 -16.00 39.07 4.29
N LYS B 16 -15.58 38.11 5.11
CA LYS B 16 -14.65 38.37 6.25
C LYS B 16 -13.38 39.04 5.71
N CYS B 17 -12.87 38.57 4.57
CA CYS B 17 -11.65 39.14 3.94
C CYS B 17 -11.93 40.61 3.59
N GLN B 18 -12.93 40.87 2.74
CA GLN B 18 -13.27 42.24 2.27
C GLN B 18 -13.30 43.19 3.47
N GLN B 19 -14.06 42.85 4.52
CA GLN B 19 -14.09 43.64 5.79
C GLN B 19 -12.66 44.02 6.16
N TRP B 20 -11.83 43.02 6.46
CA TRP B 20 -10.40 43.18 6.82
C TRP B 20 -9.76 44.20 5.87
N SER B 21 -10.02 44.06 4.56
CA SER B 21 -9.47 44.93 3.47
C SER B 21 -9.89 46.39 3.68
N GLN B 22 -11.20 46.66 3.83
CA GLN B 22 -11.76 48.03 4.04
C GLN B 22 -11.06 48.70 5.22
N GLN B 23 -11.03 48.00 6.36
CA GLN B 23 -10.51 48.49 7.66
C GLN B 23 -8.98 48.68 7.60
N SER B 24 -8.26 47.75 6.96
CA SER B 24 -6.77 47.76 6.85
C SER B 24 -6.29 49.08 6.22
N GLY B 25 -7.15 49.70 5.40
CA GLY B 25 -6.79 50.86 4.56
C GLY B 25 -6.13 50.42 3.27
N GLN B 26 -6.54 49.25 2.75
CA GLN B 26 -6.01 48.61 1.52
C GLN B 26 -4.54 48.20 1.71
N ASN B 27 -4.01 48.24 2.96
CA ASN B 27 -2.70 47.61 3.29
C ASN B 27 -2.82 46.11 2.95
N VAL B 28 -4.07 45.62 2.84
CA VAL B 28 -4.48 44.19 2.56
C VAL B 28 -5.67 44.18 1.60
N THR B 29 -5.61 43.38 0.53
CA THR B 29 -6.66 43.23 -0.52
C THR B 29 -7.04 41.75 -0.65
N CYS B 30 -8.17 41.43 -1.31
CA CYS B 30 -8.74 40.06 -1.33
C CYS B 30 -8.85 39.49 -2.74
N ALA B 31 -8.23 38.32 -2.96
CA ALA B 31 -8.50 37.35 -4.03
C ALA B 31 -9.31 36.17 -3.46
N THR B 32 -10.04 35.45 -4.32
CA THR B 32 -10.95 34.34 -3.94
C THR B 32 -10.81 33.18 -4.94
N ALA B 33 -10.99 31.94 -4.47
CA ALA B 33 -11.19 30.74 -5.31
C ALA B 33 -12.08 29.76 -4.54
N SER B 34 -12.69 28.81 -5.26
CA SER B 34 -13.51 27.73 -4.67
C SER B 34 -12.67 26.95 -3.66
N THR B 35 -11.48 26.51 -4.07
CA THR B 35 -10.65 25.54 -3.31
C THR B 35 -9.31 26.15 -2.89
N THR B 36 -8.66 25.49 -1.93
CA THR B 36 -7.36 25.88 -1.36
C THR B 36 -6.30 25.63 -2.43
N ASP B 37 -6.43 24.54 -3.19
CA ASP B 37 -5.50 24.19 -4.30
C ASP B 37 -5.57 25.28 -5.37
N ASP B 38 -6.77 25.73 -5.75
CA ASP B 38 -6.95 26.90 -6.65
C ASP B 38 -6.25 28.13 -6.03
N CYS B 39 -6.49 28.41 -4.75
CA CYS B 39 -5.97 29.62 -4.06
C CYS B 39 -4.45 29.62 -4.12
N ILE B 40 -3.82 28.48 -3.84
CA ILE B 40 -2.33 28.29 -3.88
C ILE B 40 -1.88 28.56 -5.31
N VAL B 41 -2.61 28.07 -6.31
CA VAL B 41 -2.27 28.31 -7.75
C VAL B 41 -2.20 29.83 -7.98
N LEU B 42 -3.18 30.59 -7.50
CA LEU B 42 -3.15 32.07 -7.67
C LEU B 42 -1.81 32.56 -7.14
N VAL B 43 -1.46 32.25 -5.89
CA VAL B 43 -0.20 32.73 -5.24
C VAL B 43 0.97 32.47 -6.21
N LEU B 44 1.06 31.26 -6.78
CA LEU B 44 2.09 30.85 -7.79
C LEU B 44 2.00 31.78 -9.02
N LYS B 45 0.83 31.84 -9.66
CA LYS B 45 0.53 32.73 -10.82
C LYS B 45 0.94 34.16 -10.51
N GLY B 46 0.85 34.55 -9.23
CA GLY B 46 1.08 35.91 -8.70
C GLY B 46 -0.17 36.78 -8.74
N GLU B 47 -1.36 36.18 -8.85
CA GLU B 47 -2.67 36.89 -8.68
C GLU B 47 -3.07 37.00 -7.19
N ALA B 48 -2.19 36.55 -6.27
CA ALA B 48 -2.37 36.70 -4.81
C ALA B 48 -1.02 36.51 -4.11
N ASP B 49 -0.94 36.93 -2.83
CA ASP B 49 0.34 37.09 -2.09
C ASP B 49 0.50 36.00 -1.04
N ALA B 50 -0.59 35.63 -0.34
CA ALA B 50 -0.54 34.68 0.80
C ALA B 50 -1.92 34.17 1.23
N LEU B 51 -1.87 33.12 2.06
CA LEU B 51 -3.01 32.61 2.86
C LEU B 51 -2.47 31.79 4.04
N ASN B 52 -3.36 31.41 4.97
CA ASN B 52 -3.07 30.54 6.15
C ASN B 52 -3.63 29.15 5.82
N LEU B 53 -2.81 28.10 6.01
CA LEU B 53 -3.07 26.74 5.47
C LEU B 53 -2.86 25.69 6.57
N ASP B 54 -3.69 24.66 6.61
CA ASP B 54 -3.34 23.40 7.30
C ASP B 54 -1.96 22.94 6.84
N GLY B 55 -1.24 22.23 7.70
CA GLY B 55 0.06 21.59 7.40
C GLY B 55 0.05 20.84 6.08
N GLY B 56 -0.99 20.04 5.83
CA GLY B 56 -1.09 19.23 4.60
C GLY B 56 -0.96 20.08 3.36
N TYR B 57 -1.75 21.16 3.29
CA TYR B 57 -1.76 22.14 2.18
C TYR B 57 -0.42 22.88 2.14
N ILE B 58 0.23 23.02 3.28
CA ILE B 58 1.59 23.62 3.37
C ILE B 58 2.55 22.75 2.54
N TYR B 59 2.37 21.41 2.56
CA TYR B 59 3.19 20.40 1.84
C TYR B 59 3.04 20.61 0.32
N THR B 60 1.78 20.71 -0.13
CA THR B 60 1.39 21.01 -1.52
C THR B 60 2.01 22.35 -1.93
N ALA B 61 1.80 23.39 -1.13
CA ALA B 61 2.36 24.74 -1.37
C ALA B 61 3.88 24.64 -1.48
N GLY B 62 4.48 23.91 -0.55
CA GLY B 62 5.94 23.80 -0.36
C GLY B 62 6.62 23.07 -1.50
N LYS B 63 5.91 22.12 -2.12
CA LYS B 63 6.35 21.39 -3.34
C LYS B 63 6.27 22.30 -4.58
N CYS B 64 5.48 23.38 -4.49
CA CYS B 64 5.30 24.41 -5.55
C CYS B 64 6.21 25.62 -5.29
N GLY B 65 7.16 25.50 -4.35
CA GLY B 65 8.16 26.55 -4.05
C GLY B 65 7.65 27.70 -3.19
N LEU B 66 6.46 27.63 -2.57
CA LEU B 66 6.03 28.66 -1.59
C LEU B 66 6.77 28.39 -0.27
N VAL B 67 6.79 29.37 0.64
CA VAL B 67 7.51 29.26 1.95
C VAL B 67 6.58 29.64 3.10
N PRO B 68 6.80 29.06 4.30
CA PRO B 68 6.05 29.45 5.51
C PRO B 68 6.56 30.76 6.13
N VAL B 69 5.65 31.67 6.49
CA VAL B 69 5.96 33.06 6.97
C VAL B 69 5.74 33.13 8.48
N LEU B 70 4.48 33.10 8.94
CA LEU B 70 4.12 33.07 10.38
C LEU B 70 3.23 31.85 10.67
N ALA B 71 3.35 31.30 11.89
CA ALA B 71 2.56 30.14 12.39
C ALA B 71 1.44 30.64 13.29
N GLU B 72 0.24 30.05 13.19
CA GLU B 72 -0.82 30.15 14.23
C GLU B 72 -0.24 29.72 15.58
N ASN B 73 -0.58 30.46 16.64
CA ASN B 73 -0.23 30.15 18.05
C ASN B 73 -1.50 30.34 18.89
N ARG B 74 -1.65 29.50 19.93
CA ARG B 74 -2.89 29.39 20.75
C ARG B 74 -2.49 29.36 22.23
N LYS B 75 -3.50 29.41 23.11
CA LYS B 75 -3.36 29.46 24.60
C LYS B 75 -2.45 28.32 25.07
N SER B 76 -1.31 28.68 25.65
CA SER B 76 -0.25 27.74 26.11
C SER B 76 -0.44 27.43 27.60
N SER B 77 0.20 26.37 28.08
CA SER B 77 0.20 25.95 29.51
C SER B 77 1.60 26.12 30.13
N LYS B 78 2.57 26.69 29.39
CA LYS B 78 3.99 26.76 29.81
C LYS B 78 4.75 27.87 29.05
N HIS B 79 5.82 28.39 29.66
CA HIS B 79 6.69 29.49 29.16
C HIS B 79 5.86 30.77 29.00
N SER B 80 4.94 31.04 29.95
CA SER B 80 3.90 32.11 29.90
C SER B 80 4.53 33.50 29.95
N SER B 81 5.83 33.60 30.26
CA SER B 81 6.61 34.87 30.31
C SER B 81 6.71 35.46 28.89
N LEU B 82 7.23 34.69 27.94
CA LEU B 82 7.48 35.13 26.53
C LEU B 82 6.18 35.67 25.93
N ASP B 83 6.29 36.75 25.14
CA ASP B 83 5.14 37.38 24.42
C ASP B 83 4.58 36.36 23.40
N CYS B 84 3.29 36.48 23.09
CA CYS B 84 2.54 35.56 22.19
C CYS B 84 3.31 35.29 20.88
N VAL B 85 3.90 36.33 20.30
CA VAL B 85 4.65 36.24 19.00
C VAL B 85 6.01 35.59 19.26
N LEU B 86 6.59 35.81 20.44
CA LEU B 86 7.92 35.30 20.86
C LEU B 86 7.79 33.89 21.47
N ARG B 87 6.58 33.53 21.92
CA ARG B 87 6.30 32.23 22.56
C ARG B 87 6.37 31.13 21.49
N PRO B 88 7.11 30.02 21.73
CA PRO B 88 7.25 28.97 20.73
C PRO B 88 5.93 28.19 20.50
N THR B 89 5.79 27.55 19.34
CA THR B 89 4.59 26.76 18.95
C THR B 89 4.68 25.38 19.62
N GLU B 90 3.53 24.71 19.74
CA GLU B 90 3.36 23.43 20.49
C GLU B 90 2.84 22.34 19.55
N GLY B 91 1.85 22.66 18.71
CA GLY B 91 1.33 21.78 17.65
C GLY B 91 0.20 20.91 18.17
N TYR B 92 -1.01 21.07 17.61
CA TYR B 92 -2.29 20.42 18.05
C TYR B 92 -2.14 18.89 17.96
N LEU B 93 -3.05 18.16 18.62
CA LEU B 93 -3.04 16.67 18.65
C LEU B 93 -4.18 16.15 17.76
N ALA B 94 -3.83 15.41 16.72
CA ALA B 94 -4.78 14.80 15.78
C ALA B 94 -5.36 13.59 16.50
N VAL B 95 -6.69 13.51 16.57
CA VAL B 95 -7.38 12.42 17.31
C VAL B 95 -8.38 11.75 16.37
N ALA B 96 -8.92 10.63 16.84
CA ALA B 96 -10.09 9.91 16.27
C ALA B 96 -11.22 9.97 17.30
N VAL B 97 -12.31 10.67 16.97
CA VAL B 97 -13.45 10.91 17.89
C VAL B 97 -14.62 10.03 17.45
N VAL B 98 -15.11 9.22 18.38
CA VAL B 98 -16.27 8.29 18.19
C VAL B 98 -17.32 8.66 19.25
N LYS B 99 -18.60 8.39 18.94
CA LYS B 99 -19.73 8.44 19.90
C LYS B 99 -19.56 7.28 20.91
N LYS B 100 -19.52 7.57 22.21
CA LYS B 100 -19.43 6.55 23.30
C LYS B 100 -20.59 5.55 23.16
N ALA B 101 -21.78 6.06 22.78
CA ALA B 101 -22.99 5.26 22.47
C ALA B 101 -22.63 4.11 21.52
N ASN B 102 -21.88 4.38 20.44
CA ASN B 102 -21.32 3.34 19.55
C ASN B 102 -20.35 2.49 20.37
N GLU B 103 -20.56 1.17 20.35
CA GLU B 103 -19.85 0.15 21.18
C GLU B 103 -19.11 -0.83 20.25
N GLY B 104 -17.96 -1.35 20.68
CA GLY B 104 -17.12 -2.30 19.92
C GLY B 104 -16.33 -1.62 18.79
N LEU B 105 -16.52 -0.31 18.60
CA LEU B 105 -15.81 0.47 17.56
C LEU B 105 -14.43 0.88 18.11
N THR B 106 -13.40 0.08 17.84
CA THR B 106 -11.99 0.41 18.17
C THR B 106 -11.26 0.76 16.87
N TRP B 107 -9.98 1.11 16.95
CA TRP B 107 -9.11 1.41 15.78
C TRP B 107 -9.12 0.21 14.82
N ASN B 108 -9.14 -1.01 15.36
CA ASN B 108 -9.01 -2.29 14.60
C ASN B 108 -10.35 -2.72 14.00
N SER B 109 -11.41 -1.93 14.13
CA SER B 109 -12.77 -2.24 13.63
C SER B 109 -13.24 -1.18 12.63
N LEU B 110 -12.44 -0.15 12.35
CA LEU B 110 -12.83 1.01 11.50
C LEU B 110 -13.12 0.54 10.06
N LYS B 111 -12.50 -0.56 9.63
CA LYS B 111 -12.77 -1.20 8.31
C LYS B 111 -14.29 -1.28 8.08
N ASP B 112 -14.76 -0.88 6.89
CA ASP B 112 -16.17 -0.95 6.44
C ASP B 112 -17.07 -0.08 7.33
N LYS B 113 -16.50 0.91 8.05
CA LYS B 113 -17.28 1.86 8.90
C LYS B 113 -17.52 3.16 8.12
N LYS B 114 -18.27 4.10 8.69
CA LYS B 114 -18.54 5.44 8.08
C LYS B 114 -17.68 6.50 8.79
N SER B 115 -17.12 7.44 8.02
CA SER B 115 -16.08 8.40 8.50
C SER B 115 -16.43 9.83 8.10
N CYS B 116 -15.97 10.80 8.91
CA CYS B 116 -16.09 12.26 8.69
C CYS B 116 -14.67 12.84 8.64
N HIS B 117 -14.35 13.62 7.60
CA HIS B 117 -12.99 14.20 7.39
C HIS B 117 -13.09 15.72 7.28
N THR B 118 -12.08 16.41 7.81
CA THR B 118 -11.95 17.89 7.77
C THR B 118 -11.99 18.26 6.29
N ALA B 119 -11.13 17.59 5.51
CA ALA B 119 -11.03 17.59 4.03
C ALA B 119 -9.87 16.69 3.59
N VAL B 120 -9.79 16.45 2.28
CA VAL B 120 -8.71 15.66 1.64
C VAL B 120 -7.41 16.45 1.75
N ASP B 121 -6.27 15.77 1.94
CA ASP B 121 -4.91 16.38 2.09
C ASP B 121 -4.73 17.13 3.40
N ARG B 122 -5.77 17.34 4.22
CA ARG B 122 -5.58 18.03 5.53
C ARG B 122 -4.89 17.07 6.51
N THR B 123 -4.21 17.62 7.50
CA THR B 123 -3.29 16.89 8.42
C THR B 123 -4.07 15.97 9.37
N ALA B 124 -5.02 16.50 10.12
CA ALA B 124 -5.84 15.68 11.04
C ALA B 124 -6.83 14.89 10.20
N GLY B 125 -7.69 15.58 9.45
CA GLY B 125 -8.82 14.98 8.72
C GLY B 125 -8.45 13.80 7.84
N TRP B 126 -7.27 13.84 7.19
CA TRP B 126 -6.86 12.90 6.13
C TRP B 126 -5.43 12.38 6.35
N ASN B 127 -4.41 13.23 6.34
CA ASN B 127 -3.03 12.73 6.13
C ASN B 127 -2.67 11.72 7.22
N ILE B 128 -2.93 12.02 8.50
CA ILE B 128 -2.50 11.18 9.66
C ILE B 128 -3.31 9.88 9.69
N PRO B 129 -4.67 9.90 9.79
CA PRO B 129 -5.47 8.67 9.72
C PRO B 129 -5.20 7.76 8.50
N MET B 130 -5.47 8.25 7.28
CA MET B 130 -5.36 7.50 5.99
C MET B 130 -3.92 7.07 5.76
N GLY B 131 -2.94 7.89 6.12
CA GLY B 131 -1.54 7.47 6.20
C GLY B 131 -1.37 6.18 6.98
N LEU B 132 -1.89 6.14 8.22
CA LEU B 132 -1.74 5.00 9.18
C LEU B 132 -2.51 3.77 8.67
N ILE B 133 -3.81 3.91 8.43
CA ILE B 133 -4.67 2.87 7.80
C ILE B 133 -3.94 2.28 6.58
N VAL B 134 -3.59 3.12 5.59
CA VAL B 134 -2.92 2.73 4.31
C VAL B 134 -1.68 1.91 4.63
N ASN B 135 -0.97 2.27 5.69
CA ASN B 135 0.31 1.63 6.05
C ASN B 135 0.05 0.29 6.72
N GLN B 136 -0.90 0.24 7.67
CA GLN B 136 -1.24 -0.99 8.43
C GLN B 136 -1.81 -2.04 7.48
N THR B 137 -2.62 -1.66 6.50
CA THR B 137 -3.25 -2.60 5.54
C THR B 137 -2.24 -2.95 4.44
N GLY B 138 -1.18 -2.18 4.29
CA GLY B 138 -0.26 -2.26 3.12
C GLY B 138 -0.99 -2.10 1.79
N SER B 139 -2.17 -1.45 1.80
CA SER B 139 -3.05 -1.20 0.63
C SER B 139 -3.14 0.31 0.36
N CYS B 140 -2.99 0.73 -0.90
CA CYS B 140 -3.24 2.12 -1.38
C CYS B 140 -4.73 2.32 -1.73
N ALA B 141 -5.64 1.44 -1.25
CA ALA B 141 -7.09 1.40 -1.55
C ALA B 141 -7.87 2.03 -0.39
N PHE B 142 -7.49 3.24 0.02
CA PHE B 142 -8.17 4.00 1.10
C PHE B 142 -9.57 4.38 0.61
N ASP B 143 -9.76 4.42 -0.71
CA ASP B 143 -11.03 4.82 -1.38
C ASP B 143 -12.09 3.76 -1.13
N GLU B 144 -11.72 2.61 -0.58
CA GLU B 144 -12.63 1.49 -0.23
C GLU B 144 -12.55 1.09 1.25
N PHE B 145 -11.89 1.84 2.14
CA PHE B 145 -11.68 1.39 3.55
C PHE B 145 -12.95 1.67 4.35
N PHE B 146 -13.42 2.90 4.29
CA PHE B 146 -14.70 3.30 4.93
C PHE B 146 -15.84 2.98 3.95
N SER B 147 -16.85 2.28 4.45
CA SER B 147 -18.09 1.94 3.71
C SER B 147 -18.63 3.18 3.02
N GLN B 148 -18.57 4.34 3.70
CA GLN B 148 -19.01 5.67 3.20
C GLN B 148 -18.31 6.76 4.03
N SER B 149 -18.03 7.93 3.45
CA SER B 149 -17.29 9.01 4.16
C SER B 149 -17.83 10.39 3.76
N CYS B 150 -17.40 11.44 4.47
CA CYS B 150 -17.38 12.85 3.97
C CYS B 150 -15.94 13.35 4.05
N ALA B 151 -15.35 13.57 2.86
CA ALA B 151 -13.99 14.09 2.64
C ALA B 151 -14.09 15.14 1.54
N PRO B 152 -14.52 16.38 1.88
CA PRO B 152 -14.60 17.43 0.89
C PRO B 152 -13.30 17.40 0.10
N GLY B 153 -13.40 17.56 -1.23
CA GLY B 153 -12.27 17.65 -2.18
C GLY B 153 -12.00 16.33 -2.89
N ALA B 154 -12.65 15.25 -2.46
CA ALA B 154 -12.62 13.94 -3.14
C ALA B 154 -13.40 14.03 -4.46
N ASP B 155 -13.43 12.95 -5.25
CA ASP B 155 -14.29 12.85 -6.46
C ASP B 155 -15.75 12.99 -6.03
N PRO B 156 -16.46 14.08 -6.43
CA PRO B 156 -17.80 14.35 -5.91
C PRO B 156 -18.73 13.11 -5.97
N LYS B 157 -18.56 12.28 -6.99
CA LYS B 157 -19.44 11.12 -7.30
C LYS B 157 -18.99 9.86 -6.53
N SER B 158 -17.84 9.85 -5.84
CA SER B 158 -17.31 8.66 -5.12
C SER B 158 -17.94 8.56 -3.71
N ARG B 159 -17.65 7.46 -2.99
CA ARG B 159 -18.23 7.16 -1.65
C ARG B 159 -17.51 7.93 -0.53
N LEU B 160 -16.50 8.75 -0.85
CA LEU B 160 -15.84 9.65 0.13
C LEU B 160 -16.64 10.96 0.16
N CYS B 161 -17.50 11.19 -0.83
CA CYS B 161 -18.35 12.40 -0.99
C CYS B 161 -19.82 12.01 -0.84
N ALA B 162 -20.08 10.77 -0.42
CA ALA B 162 -21.45 10.23 -0.27
C ALA B 162 -22.14 10.96 0.90
N LEU B 163 -21.57 10.87 2.12
CA LEU B 163 -22.18 11.41 3.37
C LEU B 163 -22.16 12.94 3.40
N CYS B 164 -21.41 13.62 2.52
CA CYS B 164 -21.37 15.11 2.46
C CYS B 164 -22.75 15.61 2.03
N ALA B 165 -23.18 16.76 2.56
CA ALA B 165 -24.56 17.29 2.49
C ALA B 165 -24.65 18.48 1.52
N GLY B 166 -23.63 19.35 1.53
CA GLY B 166 -23.55 20.55 0.69
C GLY B 166 -23.82 21.80 1.50
N ASP B 167 -24.41 22.83 0.87
CA ASP B 167 -24.86 24.07 1.53
C ASP B 167 -26.29 23.84 2.05
N ASP B 168 -27.03 24.93 2.32
CA ASP B 168 -28.45 24.90 2.78
C ASP B 168 -29.33 24.20 1.73
N GLN B 169 -29.14 24.54 0.45
CA GLN B 169 -29.95 24.03 -0.69
C GLN B 169 -29.38 22.67 -1.15
N GLY B 170 -28.31 22.19 -0.52
CA GLY B 170 -27.63 20.92 -0.85
C GLY B 170 -26.95 20.97 -2.21
N LEU B 171 -26.51 22.15 -2.66
CA LEU B 171 -25.78 22.38 -3.94
C LEU B 171 -24.28 22.37 -3.63
N ASP B 172 -23.44 22.30 -4.67
CA ASP B 172 -21.96 22.25 -4.54
C ASP B 172 -21.59 21.36 -3.34
N LYS B 173 -22.05 20.11 -3.33
CA LYS B 173 -21.76 19.13 -2.26
C LYS B 173 -20.30 18.67 -2.39
N CYS B 174 -19.57 18.65 -1.27
CA CYS B 174 -18.19 18.09 -1.14
C CYS B 174 -17.14 19.15 -1.45
N VAL B 175 -17.51 20.39 -1.78
CA VAL B 175 -16.51 21.48 -2.00
C VAL B 175 -15.71 21.64 -0.71
N PRO B 176 -14.35 21.72 -0.78
CA PRO B 176 -13.53 21.98 0.40
C PRO B 176 -13.50 23.46 0.81
N ASN B 177 -14.67 24.05 1.05
CA ASN B 177 -14.83 25.40 1.65
C ASN B 177 -15.97 25.35 2.67
N SER B 178 -16.14 26.42 3.45
CA SER B 178 -17.12 26.51 4.56
C SER B 178 -18.54 26.21 4.05
N LYS B 179 -18.82 26.46 2.77
CA LYS B 179 -20.17 26.28 2.17
C LYS B 179 -20.64 24.83 2.33
N GLU B 180 -19.73 23.86 2.44
CA GLU B 180 -20.08 22.45 2.75
C GLU B 180 -20.34 22.33 4.25
N LYS B 181 -21.51 21.79 4.61
CA LYS B 181 -22.04 21.68 5.99
C LYS B 181 -21.01 20.99 6.91
N TYR B 182 -20.28 20.00 6.39
CA TYR B 182 -19.40 19.11 7.18
C TYR B 182 -17.91 19.41 6.88
N TYR B 183 -17.63 20.58 6.29
CA TYR B 183 -16.26 21.00 5.91
C TYR B 183 -15.47 21.42 7.14
N GLY B 184 -14.14 21.24 7.10
CA GLY B 184 -13.18 21.72 8.12
C GLY B 184 -13.30 20.95 9.41
N TYR B 185 -12.64 21.44 10.47
CA TYR B 185 -12.61 20.89 11.85
C TYR B 185 -14.02 20.76 12.42
N THR B 186 -14.76 21.87 12.44
CA THR B 186 -16.18 21.99 12.88
C THR B 186 -17.00 20.95 12.13
N GLY B 187 -17.00 21.04 10.79
CA GLY B 187 -17.81 20.20 9.89
C GLY B 187 -17.69 18.72 10.21
N ALA B 188 -16.47 18.20 10.28
CA ALA B 188 -16.18 16.78 10.61
C ALA B 188 -16.87 16.38 11.92
N PHE B 189 -16.78 17.22 12.96
CA PHE B 189 -17.36 16.93 14.29
C PHE B 189 -18.89 16.98 14.19
N ARG B 190 -19.47 17.99 13.53
CA ARG B 190 -20.95 18.07 13.30
C ARG B 190 -21.44 16.78 12.63
N CYS B 191 -20.68 16.24 11.68
CA CYS B 191 -20.95 14.95 10.98
C CYS B 191 -21.09 13.83 12.02
N LEU B 192 -20.07 13.62 12.87
CA LEU B 192 -20.07 12.58 13.95
C LEU B 192 -21.23 12.83 14.93
N ALA B 193 -21.43 14.10 15.33
CA ALA B 193 -22.42 14.54 16.34
C ALA B 193 -23.83 14.20 15.85
N GLU B 194 -24.18 14.63 14.64
CA GLU B 194 -25.49 14.33 14.02
C GLU B 194 -25.47 12.90 13.48
N ASP B 195 -24.49 12.09 13.90
CA ASP B 195 -24.43 10.61 13.67
C ASP B 195 -24.62 10.30 12.19
N VAL B 196 -23.99 11.08 11.30
CA VAL B 196 -23.95 10.81 9.83
C VAL B 196 -22.81 9.83 9.58
N GLY B 197 -21.69 9.99 10.28
CA GLY B 197 -20.54 9.05 10.29
C GLY B 197 -20.28 8.50 11.68
N ASP B 198 -19.67 7.31 11.76
CA ASP B 198 -19.43 6.57 13.03
C ASP B 198 -18.16 7.12 13.69
N VAL B 199 -17.28 7.73 12.89
CA VAL B 199 -15.99 8.31 13.37
C VAL B 199 -15.77 9.65 12.64
N ALA B 200 -15.01 10.54 13.28
CA ALA B 200 -14.56 11.84 12.75
C ALA B 200 -13.11 12.04 13.17
N PHE B 201 -12.28 12.51 12.23
CA PHE B 201 -10.84 12.77 12.47
C PHE B 201 -10.66 14.29 12.57
N VAL B 202 -10.46 14.79 13.78
CA VAL B 202 -10.22 16.23 14.08
C VAL B 202 -9.09 16.32 15.11
N LYS B 203 -8.89 17.52 15.68
CA LYS B 203 -7.95 17.81 16.79
C LYS B 203 -8.78 17.90 18.08
N ASN B 204 -8.19 17.62 19.24
CA ASN B 204 -8.93 17.62 20.54
C ASN B 204 -9.60 18.98 20.73
N ASP B 205 -8.91 20.05 20.34
CA ASP B 205 -9.38 21.45 20.50
C ASP B 205 -10.80 21.57 19.92
N THR B 206 -11.09 20.83 18.85
CA THR B 206 -12.42 20.79 18.19
C THR B 206 -13.44 20.21 19.18
N VAL B 207 -13.04 19.22 19.99
CA VAL B 207 -13.91 18.48 20.95
C VAL B 207 -14.33 19.42 22.09
N TRP B 208 -13.36 20.03 22.77
CA TRP B 208 -13.55 20.88 23.98
C TRP B 208 -14.37 22.14 23.63
N GLU B 209 -14.30 22.62 22.39
CA GLU B 209 -14.89 23.92 21.97
C GLU B 209 -16.35 23.75 21.53
N ASN B 210 -16.79 22.50 21.31
CA ASN B 210 -18.11 22.20 20.71
C ASN B 210 -18.98 21.35 21.64
N THR B 211 -18.43 20.88 22.77
CA THR B 211 -19.21 20.13 23.80
C THR B 211 -19.24 20.91 25.11
N ASN B 212 -20.26 20.64 25.93
CA ASN B 212 -20.51 21.29 27.26
C ASN B 212 -20.82 22.77 27.03
N GLY B 213 -21.71 23.06 26.07
CA GLY B 213 -22.18 24.44 25.75
C GLY B 213 -21.05 25.46 25.66
N GLU B 214 -19.91 25.07 25.08
CA GLU B 214 -18.81 26.00 24.70
C GLU B 214 -19.13 26.58 23.31
N SER B 215 -20.19 26.10 22.67
CA SER B 215 -20.71 26.58 21.38
C SER B 215 -22.21 26.87 21.49
N THR B 216 -22.65 28.06 21.05
CA THR B 216 -24.07 28.51 20.97
C THR B 216 -24.73 28.01 19.67
N ALA B 217 -23.97 27.31 18.83
CA ALA B 217 -24.46 26.61 17.61
C ALA B 217 -25.58 25.63 18.01
N ASP B 218 -26.60 25.51 17.16
CA ASP B 218 -27.84 24.75 17.44
C ASP B 218 -27.59 23.25 17.35
N TRP B 219 -26.35 22.83 17.03
CA TRP B 219 -25.92 21.41 16.95
C TRP B 219 -24.95 21.08 18.10
N ALA B 220 -24.33 22.08 18.73
CA ALA B 220 -23.19 21.91 19.67
C ALA B 220 -23.54 22.30 21.12
N LYS B 221 -24.70 22.97 21.33
CA LYS B 221 -25.09 23.55 22.64
C LYS B 221 -25.33 22.41 23.65
N ASN B 222 -26.17 21.44 23.28
CA ASN B 222 -26.67 20.37 24.19
C ASN B 222 -25.63 19.26 24.29
N LEU B 223 -24.53 19.36 23.53
CA LEU B 223 -23.49 18.31 23.45
C LEU B 223 -22.82 18.14 24.81
N LYS B 224 -22.39 16.92 25.09
CA LYS B 224 -21.90 16.44 26.41
C LYS B 224 -20.66 15.56 26.18
N ARG B 225 -19.53 15.93 26.79
CA ARG B 225 -18.18 15.30 26.61
C ARG B 225 -18.14 13.83 27.04
N GLU B 226 -19.15 13.29 27.72
CA GLU B 226 -19.17 11.87 28.16
C GLU B 226 -19.79 11.00 27.06
N ASP B 227 -20.60 11.58 26.18
CA ASP B 227 -21.23 10.90 25.02
C ASP B 227 -20.24 10.79 23.85
N PHE B 228 -18.95 11.06 24.07
CA PHE B 228 -17.86 11.06 23.05
C PHE B 228 -16.58 10.44 23.64
N ARG B 229 -16.06 9.37 23.00
CA ARG B 229 -14.79 8.70 23.40
C ARG B 229 -13.75 8.82 22.28
N LEU B 230 -12.47 8.60 22.64
CA LEU B 230 -11.28 8.73 21.78
C LEU B 230 -10.69 7.35 21.50
N LEU B 231 -10.58 6.99 20.20
CA LEU B 231 -9.89 5.78 19.70
C LEU B 231 -8.37 6.00 19.74
N CYS B 232 -7.63 5.13 20.41
CA CYS B 232 -6.14 5.17 20.51
C CYS B 232 -5.57 4.08 19.61
N LEU B 233 -4.26 4.10 19.39
CA LEU B 233 -3.54 3.17 18.47
C LEU B 233 -3.36 1.81 19.13
N ASP B 234 -3.19 1.79 20.47
CA ASP B 234 -3.16 0.53 21.28
C ASP B 234 -4.41 -0.31 20.96
N GLY B 235 -5.55 0.34 20.66
CA GLY B 235 -6.85 -0.31 20.41
C GLY B 235 -7.85 0.08 21.49
N THR B 236 -7.34 0.53 22.64
CA THR B 236 -8.13 0.94 23.83
C THR B 236 -9.03 2.12 23.46
N ARG B 237 -10.09 2.33 24.22
CA ARG B 237 -10.93 3.55 24.16
C ARG B 237 -10.71 4.35 25.46
N LYS B 238 -10.45 5.66 25.36
CA LYS B 238 -10.19 6.58 26.51
C LYS B 238 -11.09 7.80 26.40
N PRO B 239 -11.39 8.50 27.52
CA PRO B 239 -12.15 9.76 27.46
C PRO B 239 -11.36 10.89 26.78
N VAL B 240 -12.02 12.03 26.53
CA VAL B 240 -11.45 13.20 25.78
C VAL B 240 -10.27 13.76 26.58
N THR B 241 -10.28 13.55 27.90
CA THR B 241 -9.29 14.13 28.86
C THR B 241 -7.91 13.52 28.58
N GLU B 242 -7.86 12.24 28.21
CA GLU B 242 -6.62 11.43 28.09
C GLU B 242 -6.00 11.61 26.69
N ALA B 243 -6.23 12.75 26.04
CA ALA B 243 -5.83 13.03 24.64
C ALA B 243 -4.32 12.96 24.48
N GLN B 244 -3.55 13.14 25.56
CA GLN B 244 -2.07 13.04 25.56
C GLN B 244 -1.61 11.58 25.37
N SER B 245 -2.50 10.59 25.55
CA SER B 245 -2.18 9.14 25.38
C SER B 245 -3.07 8.49 24.31
N CYS B 246 -4.10 9.19 23.82
CA CYS B 246 -5.12 8.69 22.86
C CYS B 246 -5.19 9.63 21.64
N HIS B 247 -4.02 10.14 21.21
CA HIS B 247 -3.86 11.01 20.01
C HIS B 247 -3.18 10.21 18.90
N LEU B 248 -3.59 10.41 17.64
CA LEU B 248 -3.07 9.66 16.46
C LEU B 248 -1.64 10.10 16.17
N ALA B 249 -1.37 11.40 16.18
CA ALA B 249 -0.01 12.00 16.04
C ALA B 249 -0.04 13.51 16.37
N VAL B 250 1.15 14.12 16.45
CA VAL B 250 1.36 15.57 16.76
C VAL B 250 1.39 16.35 15.44
N ALA B 251 0.49 17.31 15.28
CA ALA B 251 0.23 18.05 14.02
C ALA B 251 0.98 19.38 14.02
N PRO B 252 1.74 19.72 12.94
CA PRO B 252 2.29 21.06 12.80
C PRO B 252 1.19 22.12 12.66
N ASN B 253 1.34 23.21 13.40
CA ASN B 253 0.32 24.30 13.49
C ASN B 253 0.11 24.88 12.09
N HIS B 254 -1.14 25.17 11.74
CA HIS B 254 -1.48 25.94 10.51
C HIS B 254 -0.52 27.14 10.38
N ALA B 255 -0.13 27.50 9.14
CA ALA B 255 0.82 28.60 8.87
C ALA B 255 0.46 29.37 7.60
N VAL B 256 0.93 30.63 7.56
CA VAL B 256 0.77 31.53 6.38
C VAL B 256 1.89 31.10 5.44
N VAL B 257 1.57 30.93 4.16
CA VAL B 257 2.58 30.67 3.11
C VAL B 257 2.56 31.86 2.15
N SER B 258 3.65 32.08 1.42
CA SER B 258 3.80 33.08 0.34
C SER B 258 4.97 32.67 -0.56
N ARG B 259 5.15 33.36 -1.69
CA ARG B 259 6.37 33.21 -2.54
C ARG B 259 7.59 33.64 -1.75
N SER B 260 8.75 33.06 -2.04
CA SER B 260 10.03 33.31 -1.33
C SER B 260 10.27 34.83 -1.29
N ASP B 261 10.09 35.51 -2.44
CA ASP B 261 10.35 36.97 -2.61
C ASP B 261 9.47 37.81 -1.68
N ARG B 262 8.18 37.49 -1.53
CA ARG B 262 7.20 38.39 -0.85
C ARG B 262 7.04 38.00 0.62
N ALA B 263 7.81 37.04 1.12
CA ALA B 263 7.61 36.48 2.49
C ALA B 263 7.82 37.58 3.54
N ALA B 264 9.02 38.19 3.57
CA ALA B 264 9.39 39.22 4.57
C ALA B 264 8.39 40.38 4.53
N HIS B 265 8.02 40.85 3.34
CA HIS B 265 6.98 41.89 3.16
C HIS B 265 5.73 41.48 3.91
N VAL B 266 5.21 40.28 3.66
CA VAL B 266 3.93 39.83 4.26
C VAL B 266 4.14 39.66 5.78
N GLU B 267 5.26 39.05 6.18
CA GLU B 267 5.65 38.96 7.61
C GLU B 267 5.35 40.30 8.30
N GLN B 268 6.02 41.38 7.86
CA GLN B 268 5.86 42.76 8.38
C GLN B 268 4.38 43.16 8.36
N VAL B 269 3.76 43.23 7.18
CA VAL B 269 2.37 43.75 7.03
C VAL B 269 1.50 43.03 8.05
N LEU B 270 1.68 41.72 8.22
CA LEU B 270 0.79 40.86 9.06
C LEU B 270 1.03 41.14 10.56
N LEU B 271 2.29 41.18 11.02
CA LEU B 271 2.63 41.55 12.43
C LEU B 271 1.92 42.86 12.79
N HIS B 272 1.92 43.84 11.87
CA HIS B 272 1.21 45.15 12.05
C HIS B 272 -0.31 44.96 11.98
N GLN B 273 -0.80 44.10 11.09
CA GLN B 273 -2.26 43.86 10.91
C GLN B 273 -2.85 43.18 12.16
N GLN B 274 -2.05 42.33 12.82
CA GLN B 274 -2.52 41.58 14.02
C GLN B 274 -2.47 42.52 15.23
N ALA B 275 -1.43 43.37 15.33
CA ALA B 275 -1.32 44.44 16.35
C ALA B 275 -2.57 45.33 16.32
N LEU B 276 -3.20 45.50 15.16
CA LEU B 276 -4.40 46.37 14.96
C LEU B 276 -5.69 45.58 15.18
N PHE B 277 -5.86 44.41 14.54
CA PHE B 277 -7.15 43.68 14.48
C PHE B 277 -7.06 42.31 15.18
N GLY B 278 -5.90 41.99 15.78
CA GLY B 278 -5.65 40.75 16.54
C GLY B 278 -6.52 40.64 17.78
N LYS B 279 -6.30 39.58 18.57
CA LYS B 279 -7.01 39.27 19.84
C LYS B 279 -6.84 40.45 20.81
N ASN B 280 -5.62 41.00 20.87
CA ASN B 280 -5.28 42.24 21.63
C ASN B 280 -4.83 43.34 20.65
N GLY B 281 -5.77 43.86 19.87
CA GLY B 281 -5.54 44.93 18.89
C GLY B 281 -6.38 46.15 19.19
N LYS B 282 -5.87 47.33 18.82
CA LYS B 282 -6.48 48.65 19.11
C LYS B 282 -7.94 48.64 18.65
N ASN B 283 -8.28 47.83 17.64
CA ASN B 283 -9.58 47.88 16.91
C ASN B 283 -10.35 46.55 17.03
N CYS B 284 -10.07 45.74 18.06
CA CYS B 284 -10.83 44.50 18.40
C CYS B 284 -11.33 44.65 19.84
N PRO B 285 -12.65 44.73 20.11
CA PRO B 285 -13.72 44.50 19.13
C PRO B 285 -14.31 45.77 18.48
N ASP B 286 -13.54 46.85 18.46
CA ASP B 286 -13.99 48.20 18.04
C ASP B 286 -14.40 48.14 16.56
N LYS B 287 -13.43 47.91 15.66
CA LYS B 287 -13.63 47.95 14.18
C LYS B 287 -13.74 46.51 13.64
N PHE B 288 -12.62 45.76 13.57
CA PHE B 288 -12.58 44.42 12.93
C PHE B 288 -11.68 43.46 13.72
N CYS B 289 -12.16 42.23 13.89
CA CYS B 289 -11.47 41.12 14.59
C CYS B 289 -11.08 40.03 13.57
N LEU B 290 -9.77 39.75 13.49
CA LEU B 290 -9.15 38.89 12.45
C LEU B 290 -9.24 37.43 12.87
N PHE B 291 -9.25 37.15 14.18
CA PHE B 291 -9.25 35.78 14.75
C PHE B 291 -10.64 35.41 15.27
N LYS B 292 -11.72 36.00 14.73
CA LYS B 292 -13.11 35.68 15.11
C LYS B 292 -14.03 35.73 13.89
N SER B 293 -14.79 34.67 13.65
CA SER B 293 -15.58 34.48 12.40
C SER B 293 -16.92 33.77 12.65
N GLU B 294 -17.40 33.70 13.89
CA GLU B 294 -18.69 33.07 14.28
C GLU B 294 -18.62 31.55 14.06
N THR B 295 -17.68 30.87 14.73
CA THR B 295 -17.48 29.38 14.74
C THR B 295 -17.28 28.82 13.32
N LYS B 296 -17.09 29.68 12.31
CA LYS B 296 -16.81 29.26 10.92
C LYS B 296 -15.29 29.16 10.72
N ASN B 297 -14.48 29.56 11.70
CA ASN B 297 -13.00 29.47 11.67
C ASN B 297 -12.49 29.95 10.29
N LEU B 298 -13.00 31.08 9.79
CA LEU B 298 -12.67 31.62 8.44
C LEU B 298 -11.28 32.28 8.47
N LEU B 299 -10.50 32.10 7.39
CA LEU B 299 -9.14 32.68 7.17
C LEU B 299 -8.12 32.13 8.18
N PHE B 300 -8.36 32.35 9.47
CA PHE B 300 -7.53 31.77 10.57
C PHE B 300 -8.44 30.90 11.42
N ASN B 301 -7.89 30.08 12.30
CA ASN B 301 -8.68 29.38 13.36
C ASN B 301 -9.14 30.42 14.40
N ASP B 302 -10.35 30.25 14.95
CA ASP B 302 -10.92 31.12 16.03
C ASP B 302 -10.11 30.95 17.32
N ASN B 303 -9.51 29.78 17.53
CA ASN B 303 -8.68 29.45 18.72
C ASN B 303 -7.29 30.11 18.64
N THR B 304 -7.05 30.98 17.65
CA THR B 304 -5.72 31.60 17.40
C THR B 304 -5.56 32.81 18.32
N GLU B 305 -4.61 32.74 19.26
CA GLU B 305 -4.25 33.86 20.17
C GLU B 305 -3.59 34.96 19.32
N CYS B 306 -2.50 34.61 18.61
CA CYS B 306 -1.79 35.49 17.65
C CYS B 306 -1.09 34.65 16.58
N LEU B 307 -0.38 35.32 15.65
CA LEU B 307 0.59 34.67 14.73
C LEU B 307 1.99 34.91 15.28
N ALA B 308 2.88 33.92 15.15
CA ALA B 308 4.24 33.89 15.72
C ALA B 308 5.26 33.77 14.59
N LYS B 309 6.51 34.16 14.88
CA LYS B 309 7.66 34.02 13.94
C LYS B 309 8.21 32.61 14.05
N LEU B 310 9.11 32.24 13.13
CA LEU B 310 9.75 30.90 13.10
C LEU B 310 11.26 31.12 13.19
N GLY B 311 11.93 30.46 14.14
CA GLY B 311 13.38 30.60 14.37
C GLY B 311 14.16 30.28 13.11
N GLY B 312 15.02 31.21 12.67
CA GLY B 312 15.73 31.12 11.37
C GLY B 312 14.74 31.24 10.21
N ARG B 313 15.14 30.81 9.02
CA ARG B 313 14.23 30.73 7.84
C ARG B 313 13.96 29.26 7.57
N PRO B 314 12.70 28.78 7.74
CA PRO B 314 12.42 27.36 7.62
C PRO B 314 11.84 26.95 6.26
N THR B 315 12.34 25.86 5.68
CA THR B 315 11.77 25.18 4.49
C THR B 315 10.43 24.59 4.90
N TYR B 316 9.50 24.35 3.96
CA TYR B 316 8.21 23.66 4.27
C TYR B 316 8.54 22.35 4.98
N GLU B 317 9.71 21.76 4.68
CA GLU B 317 10.21 20.49 5.28
C GLU B 317 10.48 20.69 6.77
N GLU B 318 11.43 21.57 7.12
CA GLU B 318 11.84 21.88 8.52
C GLU B 318 10.61 22.23 9.37
N TYR B 319 9.70 23.08 8.87
CA TYR B 319 8.50 23.49 9.61
C TYR B 319 7.69 22.24 9.99
N LEU B 320 7.16 21.54 8.99
CA LEU B 320 6.27 20.36 9.20
C LEU B 320 7.04 19.32 10.03
N GLY B 321 8.27 19.04 9.62
CA GLY B 321 9.15 18.05 10.27
C GLY B 321 9.45 16.90 9.33
N THR B 322 10.65 16.34 9.44
CA THR B 322 11.17 15.25 8.57
C THR B 322 10.21 14.05 8.62
N GLU B 323 9.65 13.76 9.79
CA GLU B 323 8.81 12.55 10.00
C GLU B 323 7.47 12.73 9.30
N TYR B 324 6.77 13.85 9.53
CA TYR B 324 5.43 14.10 8.95
C TYR B 324 5.56 14.18 7.42
N VAL B 325 6.54 14.94 6.92
CA VAL B 325 6.83 15.02 5.47
C VAL B 325 6.95 13.59 4.91
N THR B 326 7.66 12.69 5.59
CA THR B 326 7.82 11.27 5.13
C THR B 326 6.44 10.60 5.11
N ALA B 327 5.60 10.85 6.11
CA ALA B 327 4.25 10.25 6.21
C ALA B 327 3.36 10.68 5.03
N ILE B 328 3.42 11.95 4.65
CA ILE B 328 2.58 12.50 3.55
C ILE B 328 3.08 11.90 2.24
N ALA B 329 4.40 11.89 2.04
CA ALA B 329 5.04 11.47 0.77
C ALA B 329 4.60 10.03 0.48
N ASN B 330 4.59 9.21 1.53
CA ASN B 330 4.27 7.75 1.48
C ASN B 330 2.79 7.60 1.10
N LEU B 331 1.92 8.41 1.70
CA LEU B 331 0.44 8.36 1.47
C LEU B 331 0.13 8.85 0.06
N LYS B 332 0.99 9.74 -0.46
CA LYS B 332 0.83 10.40 -1.78
C LYS B 332 1.36 9.46 -2.87
N LYS B 333 1.95 8.34 -2.48
CA LYS B 333 2.37 7.26 -3.41
C LYS B 333 1.13 6.51 -3.93
N CYS B 334 -0.04 6.76 -3.34
CA CYS B 334 -1.30 6.01 -3.52
C CYS B 334 -2.28 6.81 -4.39
N SER B 335 -1.99 8.07 -4.68
CA SER B 335 -2.87 8.99 -5.44
C SER B 335 -2.05 9.77 -6.46
N THR B 336 -2.72 10.54 -7.32
CA THR B 336 -2.10 11.36 -8.39
C THR B 336 -2.67 12.77 -8.24
N SER B 337 -1.83 13.75 -7.91
CA SER B 337 -2.28 15.16 -7.74
C SER B 337 -1.88 15.96 -8.97
N PRO B 338 -2.86 16.48 -9.75
CA PRO B 338 -2.57 17.41 -10.84
C PRO B 338 -1.62 18.54 -10.43
N LEU B 339 -1.92 19.23 -9.33
CA LEU B 339 -1.13 20.41 -8.88
C LEU B 339 0.29 19.92 -8.61
N LEU B 340 0.44 18.91 -7.77
CA LEU B 340 1.78 18.42 -7.36
C LEU B 340 2.53 18.01 -8.61
N GLU B 341 1.86 17.35 -9.55
CA GLU B 341 2.44 16.99 -10.88
C GLU B 341 2.97 18.27 -11.54
N ALA B 342 2.12 19.26 -11.81
CA ALA B 342 2.52 20.50 -12.49
C ALA B 342 3.74 21.10 -11.81
N CYS B 343 3.61 21.52 -10.56
CA CYS B 343 4.71 22.15 -9.75
C CYS B 343 5.99 21.32 -9.88
N ALA B 344 5.89 20.01 -10.02
CA ALA B 344 7.06 19.11 -9.94
C ALA B 344 8.04 19.49 -11.05
N PHE B 345 7.55 19.74 -12.27
CA PHE B 345 8.41 20.17 -13.38
C PHE B 345 8.37 21.71 -13.50
N LEU B 346 7.23 22.35 -13.23
CA LEU B 346 7.12 23.81 -13.49
C LEU B 346 8.07 24.62 -12.59
N THR B 347 8.26 24.22 -11.33
CA THR B 347 9.14 24.94 -10.36
C THR B 347 10.47 24.20 -10.17
N ARG B 348 10.64 23.03 -10.81
CA ARG B 348 11.82 22.13 -10.67
C ARG B 348 13.07 22.95 -10.32
C1 NAG C . 11.15 4.43 -1.84
C2 NAG C . 12.56 4.13 -1.32
C3 NAG C . 13.49 5.34 -1.43
C4 NAG C . 13.60 5.91 -2.84
C5 NAG C . 12.24 5.93 -3.54
C6 NAG C . 12.24 5.00 -4.74
C7 NAG C . 12.25 2.48 0.48
C8 NAG C . 12.31 2.29 1.97
N2 NAG C . 12.47 3.72 0.08
O3 NAG C . 14.82 4.97 -1.01
O4 NAG C . 14.14 7.25 -2.75
O5 NAG C . 11.12 5.57 -2.72
O6 NAG C . 12.80 5.81 -5.78
O7 NAG C . 12.05 1.57 -0.30
C1 NAG C . 15.25 7.49 -3.66
C2 NAG C . 15.35 9.01 -3.85
C3 NAG C . 16.70 9.45 -4.42
C4 NAG C . 17.79 8.95 -3.49
C5 NAG C . 17.77 7.42 -3.65
C6 NAG C . 18.84 6.69 -2.83
C7 NAG C . 13.34 10.32 -4.24
C8 NAG C . 12.48 10.97 -5.27
N2 NAG C . 14.30 9.54 -4.70
O3 NAG C . 16.75 10.88 -4.56
O4 NAG C . 19.04 9.69 -3.67
O5 NAG C . 16.49 6.89 -3.22
O6 NAG C . 19.33 5.55 -3.55
O7 NAG C . 13.23 10.53 -3.04
C1 BMA C . 20.02 9.23 -4.66
C2 BMA C . 19.75 9.88 -6.02
C3 BMA C . 20.71 9.30 -7.05
C4 BMA C . 22.16 9.51 -6.62
C5 BMA C . 22.38 9.00 -5.18
C6 BMA C . 23.78 9.36 -4.67
O2 BMA C . 19.95 11.30 -5.92
O3 BMA C . 20.46 9.88 -8.33
O4 BMA C . 23.06 8.85 -7.54
O5 BMA C . 21.38 9.54 -4.29
O6 BMA C . 24.16 8.54 -3.55
C1 NAG D . 21.38 -29.46 -7.07
C2 NAG D . 22.55 -28.76 -7.77
C3 NAG D . 23.67 -28.30 -6.82
C4 NAG D . 23.18 -27.73 -5.49
C5 NAG D . 21.93 -28.42 -4.93
C6 NAG D . 21.14 -27.49 -4.02
C7 NAG D . 23.02 -29.66 -10.06
C8 NAG D . 23.40 -30.94 -10.74
N2 NAG D . 23.05 -29.76 -8.73
O3 NAG D . 24.47 -27.28 -7.47
O4 NAG D . 24.25 -27.82 -4.52
O5 NAG D . 20.95 -28.79 -5.90
O6 NAG D . 20.62 -26.42 -4.81
O7 NAG D . 22.69 -28.67 -10.67
C1 NAG D . 24.99 -26.58 -4.40
C2 NAG D . 25.27 -26.17 -2.95
C3 NAG D . 26.08 -24.88 -2.87
C4 NAG D . 27.20 -24.79 -3.90
C5 NAG D . 26.71 -25.27 -5.26
C6 NAG D . 27.78 -25.21 -6.36
C7 NAG D . 23.68 -26.75 -1.17
C8 NAG D . 22.57 -26.23 -0.31
N2 NAG D . 24.10 -25.92 -2.12
O3 NAG D . 26.58 -24.73 -1.54
O4 NAG D . 27.68 -23.43 -3.98
O5 NAG D . 26.22 -26.59 -5.12
O6 NAG D . 27.15 -24.99 -7.63
O7 NAG D . 24.17 -27.86 -0.98
C1 BMA D . 28.95 -23.29 -3.29
C2 BMA D . 30.03 -22.62 -4.19
C3 BMA D . 31.35 -22.40 -3.43
C4 BMA D . 31.09 -21.84 -2.04
C5 BMA D . 30.10 -22.73 -1.30
C6 BMA D . 29.88 -22.35 0.17
O2 BMA D . 29.57 -21.37 -4.74
O3 BMA D . 32.22 -21.51 -4.16
O4 BMA D . 32.32 -21.79 -1.32
O5 BMA D . 28.85 -22.67 -1.99
O6 BMA D . 28.83 -23.15 0.74
C1 NAG E . -6.99 19.63 23.60
C2 NAG E . -5.99 19.92 24.74
C3 NAG E . -6.50 20.78 25.92
C4 NAG E . -7.17 22.12 25.59
C5 NAG E . -8.21 21.67 24.54
C6 NAG E . -9.04 22.91 24.10
C7 NAG E . -4.26 18.25 25.36
C8 NAG E . -3.97 16.88 25.94
N2 NAG E . -5.55 18.62 25.24
O3 NAG E . -5.39 21.06 26.77
O4 NAG E . -7.70 22.83 26.80
O5 NAG E . -7.64 20.94 23.39
O6 NAG E . -8.22 24.04 23.74
O7 NAG E . -3.31 18.95 25.00
C1 NAG E . -7.34 24.25 27.13
C2 NAG E . -8.50 25.08 27.79
C3 NAG E . -8.11 26.52 28.24
C4 NAG E . -6.87 26.61 29.11
C5 NAG E . -5.78 25.82 28.38
C6 NAG E . -4.52 25.91 29.26
C7 NAG E . -10.89 24.80 27.28
C8 NAG E . -12.04 25.35 26.49
N2 NAG E . -9.69 25.27 26.96
O3 NAG E . -9.19 27.09 28.97
O4 NAG E . -6.52 28.01 29.40
O5 NAG E . -6.20 24.45 28.03
O6 NAG E . -3.42 25.07 28.90
O7 NAG E . -11.09 24.01 28.18
C1 BMA E . -6.57 28.46 30.81
C2 BMA E . -5.24 28.16 31.55
C3 BMA E . -4.94 28.96 32.85
C4 BMA E . -5.30 30.41 32.64
C5 BMA E . -6.78 30.47 32.29
C6 BMA E . -7.24 31.93 32.38
O2 BMA E . -4.14 28.45 30.69
O3 BMA E . -3.56 28.85 33.22
O4 BMA E . -5.00 31.20 33.81
O5 BMA E . -6.99 29.85 30.98
O6 BMA E . -8.45 32.15 31.64
C1 NAG F . -0.38 50.67 6.65
C2 NAG F . -0.03 51.97 5.91
C3 NAG F . 1.01 52.77 6.70
C4 NAG F . 0.57 53.13 8.11
C5 NAG F . -0.22 51.99 8.79
C6 NAG F . -1.29 52.67 9.64
C7 NAG F . -0.28 51.85 3.46
C8 NAG F . 0.40 51.48 2.17
N2 NAG F . 0.44 51.68 4.57
O3 NAG F . 1.29 54.03 6.08
O4 NAG F . 1.75 53.52 8.86
O5 NAG F . -0.91 51.01 7.96
O6 NAG F . -1.94 51.72 10.49
O7 NAG F . -1.42 52.30 3.45
C1 NAG F . 1.83 54.91 9.25
C2 NAG F . 2.58 55.04 10.60
C3 NAG F . 2.67 56.49 11.07
C4 NAG F . 3.34 57.31 9.99
C5 NAG F . 2.57 57.15 8.68
C6 NAG F . 3.20 58.00 7.59
C7 NAG F . 2.67 53.33 12.31
C8 NAG F . 1.98 52.60 13.43
N2 NAG F . 1.96 54.24 11.65
O3 NAG F . 3.43 56.60 12.28
O4 NAG F . 3.42 58.69 10.40
O5 NAG F . 2.51 55.75 8.30
O6 NAG F . 3.14 57.32 6.34
C1 NAG G . 3.62 1.38 9.51
C2 NAG G . 4.49 2.49 10.07
C3 NAG G . 5.85 1.86 10.34
C4 NAG G . 5.73 0.65 11.27
C5 NAG G . 4.55 -0.28 10.95
C6 NAG G . 4.22 -1.20 12.14
C7 NAG G . 4.35 4.90 9.58
C8 NAG G . 4.37 5.92 8.47
N2 NAG G . 4.59 3.65 9.19
O3 NAG G . 6.69 2.85 10.92
O4 NAG G . 6.97 -0.05 11.12
O5 NAG G . 3.35 0.43 10.55
O6 NAG G . 2.90 -1.75 11.97
O7 NAG G . 4.09 5.22 10.73
C1 NAG G . 7.62 -0.33 12.37
C2 NAG G . 8.51 -1.57 12.13
C3 NAG G . 9.88 -1.57 12.82
C4 NAG G . 10.42 -0.16 12.95
C5 NAG G . 9.40 0.62 13.77
C6 NAG G . 9.93 1.94 14.34
C7 NAG G . 7.28 -3.65 11.61
C8 NAG G . 6.51 -4.80 12.21
N2 NAG G . 7.78 -2.78 12.50
O3 NAG G . 10.81 -2.39 12.08
O4 NAG G . 11.71 -0.19 13.56
O5 NAG G . 8.26 0.84 12.92
O6 NAG G . 10.25 2.85 13.28
O7 NAG G . 7.41 -3.56 10.40
C1 NAG H . 6.35 -34.37 -27.36
C2 NAG H . 5.69 -34.13 -28.72
C3 NAG H . 6.53 -33.08 -29.45
C4 NAG H . 7.13 -31.95 -28.58
C5 NAG H . 7.62 -32.50 -27.25
C6 NAG H . 8.04 -31.56 -26.14
C7 NAG H . 4.51 -36.25 -29.31
C8 NAG H . 4.44 -37.44 -30.25
N2 NAG H . 5.53 -35.38 -29.48
O3 NAG H . 5.66 -32.50 -30.44
O4 NAG H . 8.29 -31.37 -29.20
O5 NAG H . 6.51 -33.16 -26.70
O6 NAG H . 7.80 -32.21 -24.87
O7 NAG H . 3.64 -36.12 -28.47
C1 NAG H . 8.01 -30.47 -30.29
C2 NAG H . 9.40 -30.21 -30.92
C3 NAG H . 9.37 -29.54 -32.30
C4 NAG H . 8.35 -30.33 -33.16
C5 NAG H . 6.97 -30.34 -32.50
C6 NAG H . 5.97 -31.11 -33.36
C7 NAG H . 11.49 -29.75 -29.73
C8 NAG H . 12.17 -28.82 -28.77
N2 NAG H . 10.21 -29.45 -30.00
O3 NAG H . 10.73 -29.62 -32.82
O4 NAG H . 8.19 -29.80 -34.47
O5 NAG H . 7.04 -30.95 -31.22
O6 NAG H . 4.67 -30.53 -33.21
O7 NAG H . 12.07 -30.69 -30.24
C1 BMA H . 11.25 -28.80 -33.93
C2 BMA H . 10.25 -28.35 -35.01
C3 BMA H . 10.87 -27.49 -36.10
C4 BMA H . 11.78 -26.42 -35.48
C5 BMA H . 12.81 -27.12 -34.59
C6 BMA H . 13.92 -26.20 -34.07
O2 BMA H . 9.17 -27.55 -34.49
O3 BMA H . 9.83 -26.92 -36.89
O4 BMA H . 12.41 -25.66 -36.53
O5 BMA H . 12.09 -27.71 -33.49
O6 BMA H . 15.20 -26.77 -34.40
FE FE I . 9.09 -23.66 -10.88
C BCT J . 7.64 -25.41 -10.40
O1 BCT J . 7.53 -24.36 -9.71
O2 BCT J . 8.30 -25.46 -11.46
O3 BCT J . 7.02 -26.52 -10.01
FE FE K . -4.99 21.24 10.55
C BCT L . -6.68 20.02 9.69
O1 BCT L . -7.75 19.27 9.40
O2 BCT L . -5.61 19.38 9.99
O3 BCT L . -6.82 21.29 9.64
#